data_3K7T
#
_entry.id   3K7T
#
_cell.length_a   122.957
_cell.length_b   122.957
_cell.length_c   199.918
_cell.angle_alpha   90.00
_cell.angle_beta   90.00
_cell.angle_gamma   120.00
#
_symmetry.space_group_name_H-M   'P 31 2 1'
#
loop_
_entity.id
_entity.type
_entity.pdbx_description
1 polymer '6-hydroxy-L-nicotine oxidase'
2 non-polymer 'FLAVIN-ADENINE DINUCLEOTIDE'
3 non-polymer '(1R)-2-{[(S)-(2-aminoethoxy)(hydroxy)phosphoryl]oxy}-1-[(pentadecanoyloxy)methyl]ethyl (12E)-hexadeca-9,12-dienoate'
4 water water
#
_entity_poly.entity_id   1
_entity_poly.type   'polypeptide(L)'
_entity_poly.pdbx_seq_one_letter_code
;MYDAIVVGGGFSGLKAARDLTNAGKKVLLLEGGERLGGRAYSRESRNVPGLRVEIGGAYLHRKHHPRLAAELDRYGIPTA
AASEFTSFRHRLGPTAVDQAFPIPGSEAVAVEAATYTLLRDAHRIDLEKGLENQDLEDLDIPLNEYVDKLDLPPVSRQFL
LAWAWNMLGQPADQASALWMLQLVAAHHYSILGVVLSLDEVFSNGSADLVDAMSQEIPEIRLQTVVTGIDQSGDVVNVTV
KDGHAFQAHSVIVATPMNTWRRIVFTPALPERRRSVIEEGHGGQGLKILIHVRGAEAGIECVGDGIFPTLYDYCEVSESE
RLLVAFTDSGSFDPTDIGAVKDAVLYYLPEVEVLGIDYHDWIADPLFEGPWVAPRVGQFSRVHKELGEPAGRIHFVGSDV
SLEFPGYIEGALETAECAVNAILHS
;
_entity_poly.pdbx_strand_id   A,B
#
loop_
_chem_comp.id
_chem_comp.type
_chem_comp.name
_chem_comp.formula
FAD non-polymer 'FLAVIN-ADENINE DINUCLEOTIDE' 'C27 H33 N9 O15 P2'
GP7 non-polymer '(1R)-2-{[(S)-(2-aminoethoxy)(hydroxy)phosphoryl]oxy}-1-[(pentadecanoyloxy)methyl]ethyl (12E)-hexadeca-9,12-dienoate' 'C36 H68 N O8 P'
#
# COMPACT_ATOMS: atom_id res chain seq x y z
N MET A 1 27.68 -50.57 4.79
CA MET A 1 26.29 -50.41 4.26
C MET A 1 25.43 -49.58 5.21
N TYR A 2 25.10 -48.36 4.77
CA TYR A 2 24.25 -47.46 5.54
C TYR A 2 22.86 -47.39 4.94
N ASP A 3 21.88 -46.97 5.74
CA ASP A 3 20.53 -46.74 5.25
C ASP A 3 20.43 -45.42 4.49
N ALA A 4 21.16 -44.41 4.98
CA ALA A 4 21.20 -43.10 4.35
C ALA A 4 22.53 -42.38 4.60
N ILE A 5 23.09 -41.81 3.54
CA ILE A 5 24.28 -40.97 3.65
C ILE A 5 23.92 -39.52 3.41
N VAL A 6 24.20 -38.67 4.41
CA VAL A 6 23.91 -37.25 4.33
C VAL A 6 25.16 -36.47 3.99
N VAL A 7 25.18 -35.88 2.80
CA VAL A 7 26.31 -35.09 2.32
C VAL A 7 26.12 -33.64 2.77
N GLY A 8 27.04 -33.17 3.61
CA GLY A 8 26.98 -31.82 4.15
C GLY A 8 26.52 -31.79 5.60
N GLY A 9 27.17 -30.97 6.41
CA GLY A 9 26.88 -30.90 7.84
C GLY A 9 26.30 -29.58 8.31
N GLY A 10 25.48 -28.96 7.46
CA GLY A 10 24.76 -27.75 7.83
C GLY A 10 23.46 -28.08 8.54
N PHE A 11 22.62 -27.08 8.75
CA PHE A 11 21.34 -27.27 9.45
C PHE A 11 20.40 -28.27 8.78
N SER A 12 20.47 -28.37 7.45
CA SER A 12 19.75 -29.39 6.70
C SER A 12 20.36 -30.77 6.94
N GLY A 13 21.69 -30.83 6.95
CA GLY A 13 22.42 -32.08 7.16
C GLY A 13 22.37 -32.58 8.59
N LEU A 14 22.38 -31.66 9.54
CA LEU A 14 22.34 -31.99 10.96
C LEU A 14 20.97 -32.50 11.39
N LYS A 15 19.91 -32.00 10.76
CA LYS A 15 18.54 -32.43 11.08
C LYS A 15 18.20 -33.75 10.38
N ALA A 16 18.57 -33.88 9.11
CA ALA A 16 18.28 -35.06 8.31
C ALA A 16 18.94 -36.33 8.88
N ALA A 17 20.22 -36.21 9.24
CA ALA A 17 20.99 -37.32 9.80
C ALA A 17 20.49 -37.72 11.19
N ARG A 18 20.03 -36.73 11.96
CA ARG A 18 19.52 -36.95 13.31
C ARG A 18 18.15 -37.63 13.31
N ASP A 19 17.23 -37.12 12.50
CA ASP A 19 15.85 -37.62 12.43
C ASP A 19 15.76 -39.05 11.91
N LEU A 20 16.64 -39.39 10.96
CA LEU A 20 16.68 -40.75 10.41
C LEU A 20 17.27 -41.76 11.39
N THR A 21 18.23 -41.31 12.20
CA THR A 21 18.86 -42.16 13.22
C THR A 21 17.85 -42.56 14.32
N ASN A 22 16.98 -41.62 14.69
CA ASN A 22 15.95 -41.86 15.71
C ASN A 22 14.90 -42.90 15.30
N ALA A 23 14.68 -43.03 14.00
CA ALA A 23 13.75 -44.02 13.46
C ALA A 23 14.33 -45.44 13.51
N GLY A 24 15.67 -45.52 13.48
CA GLY A 24 16.37 -46.80 13.53
C GLY A 24 17.27 -47.03 12.33
N LYS A 25 17.41 -46.01 11.49
CA LYS A 25 18.24 -46.10 10.28
C LYS A 25 19.71 -45.84 10.59
N LYS A 26 20.59 -46.58 9.90
CA LYS A 26 22.03 -46.40 10.02
C LYS A 26 22.46 -45.24 9.12
N VAL A 27 22.86 -44.14 9.75
CA VAL A 27 23.15 -42.90 9.01
C VAL A 27 24.62 -42.47 9.13
N LEU A 28 25.16 -42.00 7.99
CA LEU A 28 26.50 -41.46 7.93
C LEU A 28 26.47 -40.02 7.43
N LEU A 29 27.11 -39.12 8.18
CA LEU A 29 27.22 -37.71 7.80
C LEU A 29 28.62 -37.42 7.26
N LEU A 30 28.68 -36.78 6.10
CA LEU A 30 29.96 -36.44 5.47
C LEU A 30 30.09 -34.93 5.25
N GLU A 31 30.92 -34.30 6.09
CA GLU A 31 31.19 -32.87 5.99
C GLU A 31 32.58 -32.62 5.40
N GLY A 32 32.62 -31.79 4.36
CA GLY A 32 33.86 -31.49 3.65
C GLY A 32 34.76 -30.49 4.35
N GLY A 33 34.22 -29.78 5.32
CA GLY A 33 34.98 -28.78 6.07
C GLY A 33 35.48 -29.27 7.41
N GLU A 34 36.08 -28.36 8.18
CA GLU A 34 36.64 -28.67 9.49
C GLU A 34 35.62 -28.44 10.61
N ARG A 35 34.44 -27.97 10.24
CA ARG A 35 33.39 -27.62 11.19
C ARG A 35 32.00 -27.92 10.66
N LEU A 36 31.02 -28.03 11.57
CA LEU A 36 29.64 -28.26 11.22
C LEU A 36 28.81 -26.98 11.37
N GLY A 37 27.71 -26.89 10.64
CA GLY A 37 26.84 -25.71 10.68
C GLY A 37 26.69 -25.04 9.33
N GLY A 38 27.81 -24.91 8.61
CA GLY A 38 27.82 -24.34 7.28
C GLY A 38 27.77 -22.81 7.28
N ARG A 39 26.71 -22.27 6.69
CA ARG A 39 26.51 -20.82 6.63
C ARG A 39 26.14 -20.21 7.98
N ALA A 40 25.72 -21.06 8.92
CA ALA A 40 25.51 -20.65 10.30
C ALA A 40 26.85 -20.62 11.02
N TYR A 41 27.70 -19.68 10.62
CA TYR A 41 29.08 -19.59 11.09
C TYR A 41 29.19 -18.64 12.27
N SER A 42 29.49 -19.20 13.44
CA SER A 42 29.63 -18.45 14.68
C SER A 42 31.01 -18.68 15.30
N ARG A 43 31.88 -17.68 15.17
CA ARG A 43 33.25 -17.75 15.69
C ARG A 43 33.59 -16.51 16.51
N GLU A 44 34.77 -16.53 17.13
CA GLU A 44 35.30 -15.36 17.82
C GLU A 44 35.73 -14.32 16.79
N SER A 45 35.54 -13.05 17.14
CA SER A 45 35.84 -11.94 16.23
C SER A 45 37.33 -11.80 15.95
N ARG A 46 37.66 -11.55 14.68
CA ARG A 46 39.03 -11.31 14.26
C ARG A 46 39.51 -9.95 14.74
N ASN A 47 38.57 -9.02 14.93
CA ASN A 47 38.87 -7.68 15.40
C ASN A 47 39.02 -7.61 16.93
N VAL A 48 38.05 -8.18 17.64
CA VAL A 48 37.98 -8.07 19.09
C VAL A 48 38.13 -9.44 19.76
N PRO A 49 39.09 -9.57 20.71
CA PRO A 49 39.25 -10.80 21.50
C PRO A 49 38.11 -11.01 22.48
N GLY A 50 37.60 -12.24 22.55
CA GLY A 50 36.53 -12.59 23.48
C GLY A 50 35.16 -12.10 23.06
N LEU A 51 34.99 -11.81 21.78
CA LEU A 51 33.71 -11.35 21.25
C LEU A 51 33.15 -12.33 20.23
N ARG A 52 32.08 -13.03 20.63
CA ARG A 52 31.42 -14.01 19.78
C ARG A 52 30.52 -13.30 18.76
N VAL A 53 30.86 -13.45 17.49
CA VAL A 53 30.13 -12.77 16.41
C VAL A 53 29.53 -13.75 15.42
N GLU A 54 28.40 -13.36 14.83
CA GLU A 54 27.75 -14.16 13.79
C GLU A 54 28.17 -13.70 12.41
N ILE A 55 28.92 -14.63 11.88
CA ILE A 55 29.40 -14.42 10.51
C ILE A 55 28.28 -14.72 9.51
N GLY A 56 27.55 -15.82 9.75
CA GLY A 56 26.38 -16.16 8.97
C GLY A 56 25.19 -15.31 9.38
N GLY A 57 24.26 -15.93 10.10
CA GLY A 57 23.06 -15.22 10.57
C GLY A 57 22.42 -15.85 11.79
N ALA A 58 21.78 -15.02 12.60
CA ALA A 58 21.16 -15.49 13.84
C ALA A 58 19.67 -15.16 13.86
N TYR A 59 19.30 -14.08 13.20
CA TYR A 59 17.98 -13.47 13.40
C TYR A 59 16.87 -14.43 12.98
N LEU A 60 15.69 -14.27 13.58
CA LEU A 60 14.63 -15.24 13.45
C LEU A 60 13.28 -14.65 13.86
N HIS A 61 12.20 -15.33 13.48
CA HIS A 61 10.86 -14.91 13.86
C HIS A 61 10.12 -16.13 14.40
N ARG A 62 9.67 -16.04 15.65
CA ARG A 62 9.09 -17.19 16.37
C ARG A 62 7.81 -17.76 15.73
N LYS A 63 6.90 -16.89 15.34
CA LYS A 63 5.65 -17.32 14.70
C LYS A 63 5.82 -17.65 13.21
N HIS A 64 6.82 -17.02 12.59
CA HIS A 64 7.19 -17.30 11.20
C HIS A 64 7.82 -18.68 11.07
N HIS A 65 8.67 -19.02 12.03
CA HIS A 65 9.46 -20.23 11.98
C HIS A 65 9.17 -21.15 13.17
N PRO A 66 8.16 -22.03 13.04
CA PRO A 66 7.77 -22.94 14.12
C PRO A 66 8.78 -24.07 14.35
N ARG A 67 9.38 -24.56 13.27
CA ARG A 67 10.36 -25.66 13.35
C ARG A 67 11.65 -25.21 14.03
N LEU A 68 12.09 -23.99 13.72
CA LEU A 68 13.27 -23.39 14.35
C LEU A 68 13.01 -23.13 15.83
N ALA A 69 11.80 -22.67 16.15
CA ALA A 69 11.37 -22.45 17.52
C ALA A 69 11.21 -23.75 18.29
N ALA A 70 10.86 -24.83 17.57
CA ALA A 70 10.73 -26.16 18.16
C ALA A 70 12.09 -26.74 18.55
N GLU A 71 13.12 -26.39 17.77
CA GLU A 71 14.49 -26.83 18.06
C GLU A 71 15.10 -26.03 19.20
N LEU A 72 14.70 -24.77 19.31
CA LEU A 72 15.13 -23.90 20.41
C LEU A 72 14.49 -24.32 21.72
N ASP A 73 13.24 -24.76 21.65
CA ASP A 73 12.48 -25.21 22.83
C ASP A 73 12.93 -26.60 23.27
N ARG A 74 13.40 -27.41 22.32
CA ARG A 74 13.86 -28.76 22.59
C ARG A 74 15.18 -28.79 23.36
N TYR A 75 16.20 -28.13 22.81
CA TYR A 75 17.53 -28.11 23.41
C TYR A 75 17.67 -27.06 24.51
N GLY A 76 16.70 -26.15 24.60
CA GLY A 76 16.69 -25.11 25.61
C GLY A 76 17.57 -23.92 25.27
N ILE A 77 17.65 -23.61 23.98
CA ILE A 77 18.44 -22.47 23.51
C ILE A 77 17.59 -21.20 23.61
N PRO A 78 18.03 -20.23 24.44
CA PRO A 78 17.25 -19.02 24.68
C PRO A 78 17.37 -17.99 23.56
N THR A 79 16.29 -17.25 23.32
CA THR A 79 16.25 -16.20 22.32
C THR A 79 15.76 -14.88 22.92
N ALA A 80 16.47 -13.80 22.61
CA ALA A 80 16.11 -12.47 23.06
C ALA A 80 15.61 -11.63 21.88
N ALA A 81 14.78 -10.63 22.18
CA ALA A 81 14.24 -9.73 21.15
C ALA A 81 15.34 -8.93 20.48
N ALA A 82 15.26 -8.82 19.15
CA ALA A 82 16.27 -8.13 18.35
C ALA A 82 16.38 -6.65 18.69
N SER A 83 17.59 -6.11 18.56
CA SER A 83 17.88 -4.72 18.90
C SER A 83 17.16 -3.72 18.00
N GLU A 84 16.70 -2.61 18.57
CA GLU A 84 16.07 -1.62 17.73
C GLU A 84 16.98 -0.47 17.41
N PHE A 85 16.56 0.33 16.45
CA PHE A 85 17.35 1.47 15.97
C PHE A 85 16.78 2.80 16.45
N THR A 86 17.68 3.66 16.92
CA THR A 86 17.30 4.98 17.45
C THR A 86 17.88 6.12 16.62
N SER A 87 19.16 5.99 16.27
CA SER A 87 19.86 6.99 15.44
C SER A 87 19.72 6.65 13.96
N PHE A 88 19.59 7.68 13.13
CA PHE A 88 19.41 7.51 11.69
C PHE A 88 20.22 8.52 10.89
N ARG A 89 21.04 8.02 9.97
CA ARG A 89 21.90 8.85 9.12
C ARG A 89 21.87 8.36 7.67
N HIS A 90 20.73 8.55 7.00
CA HIS A 90 20.56 8.10 5.61
C HIS A 90 21.18 9.09 4.63
N ARG A 91 21.41 8.62 3.40
CA ARG A 91 21.90 9.47 2.32
C ARG A 91 21.00 9.34 1.08
N LEU A 92 19.69 9.43 1.32
CA LEU A 92 18.69 9.26 0.26
C LEU A 92 18.20 10.60 -0.31
N GLY A 93 19.15 11.50 -0.57
CA GLY A 93 18.83 12.81 -1.11
C GLY A 93 18.61 13.88 -0.05
N PRO A 94 18.38 15.13 -0.47
CA PRO A 94 18.20 16.25 0.45
C PRO A 94 16.79 16.38 1.05
N THR A 95 15.80 15.80 0.39
CA THR A 95 14.40 15.90 0.82
C THR A 95 13.97 14.75 1.75
N ALA A 96 14.88 13.83 2.01
CA ALA A 96 14.61 12.68 2.87
C ALA A 96 14.78 13.02 4.35
N VAL A 97 13.83 12.55 5.16
CA VAL A 97 13.89 12.73 6.61
C VAL A 97 14.67 11.57 7.24
N ASP A 98 15.48 11.88 8.26
CA ASP A 98 16.32 10.86 8.91
C ASP A 98 15.62 10.18 10.09
N GLN A 99 14.81 9.17 9.76
CA GLN A 99 14.13 8.32 10.76
C GLN A 99 13.85 6.93 10.20
N ALA A 100 13.11 6.12 10.96
CA ALA A 100 12.78 4.74 10.58
C ALA A 100 12.24 4.62 9.15
N PHE A 101 11.31 5.50 8.79
CA PHE A 101 10.76 5.54 7.44
C PHE A 101 11.12 6.89 6.80
N PRO A 102 12.20 6.92 5.99
CA PRO A 102 12.78 8.14 5.44
C PRO A 102 11.96 8.80 4.33
N ILE A 103 10.81 8.22 4.00
CA ILE A 103 9.97 8.72 2.91
C ILE A 103 9.22 9.99 3.34
N PRO A 104 9.41 11.10 2.60
CA PRO A 104 8.72 12.35 2.89
C PRO A 104 7.23 12.31 2.54
N GLY A 105 6.49 13.30 3.00
CA GLY A 105 5.04 13.38 2.79
C GLY A 105 4.61 13.63 1.36
N SER A 106 5.53 14.12 0.54
CA SER A 106 5.26 14.41 -0.87
C SER A 106 5.16 13.14 -1.72
N GLU A 107 5.86 12.09 -1.30
CA GLU A 107 5.91 10.83 -2.03
C GLU A 107 4.82 9.85 -1.59
N ALA A 108 4.12 10.19 -0.52
CA ALA A 108 3.11 9.33 0.11
C ALA A 108 2.10 8.72 -0.86
N VAL A 109 1.66 9.51 -1.84
CA VAL A 109 0.68 9.06 -2.83
C VAL A 109 1.27 8.01 -3.77
N ALA A 110 2.48 8.26 -4.26
CA ALA A 110 3.15 7.37 -5.21
C ALA A 110 3.64 6.08 -4.58
N VAL A 111 4.03 6.14 -3.31
CA VAL A 111 4.44 4.96 -2.53
C VAL A 111 3.24 4.04 -2.33
N GLU A 112 2.10 4.65 -1.95
CA GLU A 112 0.84 3.94 -1.78
C GLU A 112 0.42 3.21 -3.06
N ALA A 113 0.60 3.85 -4.20
CA ALA A 113 0.28 3.27 -5.50
C ALA A 113 1.25 2.17 -5.89
N ALA A 114 2.51 2.33 -5.52
CA ALA A 114 3.56 1.34 -5.81
C ALA A 114 3.44 0.12 -4.89
N THR A 115 2.96 0.34 -3.67
CA THR A 115 2.74 -0.74 -2.71
C THR A 115 1.72 -1.74 -3.27
N TYR A 116 0.68 -1.22 -3.91
CA TYR A 116 -0.33 -2.05 -4.57
C TYR A 116 0.25 -2.87 -5.71
N THR A 117 1.07 -2.24 -6.54
CA THR A 117 1.69 -2.89 -7.70
C THR A 117 2.67 -3.98 -7.28
N LEU A 118 3.42 -3.71 -6.22
CA LEU A 118 4.38 -4.68 -5.67
C LEU A 118 3.67 -5.85 -4.97
N LEU A 119 2.58 -5.55 -4.27
CA LEU A 119 1.80 -6.57 -3.58
C LEU A 119 1.02 -7.46 -4.55
N ARG A 120 0.34 -6.84 -5.52
CA ARG A 120 -0.45 -7.54 -6.53
C ARG A 120 0.37 -8.57 -7.31
N ASP A 121 1.57 -8.16 -7.73
CA ASP A 121 2.48 -9.03 -8.48
C ASP A 121 3.05 -10.15 -7.60
N ALA A 122 3.21 -9.86 -6.31
CA ALA A 122 3.67 -10.86 -5.34
C ALA A 122 2.55 -11.82 -4.95
N HIS A 123 1.32 -11.33 -4.92
CA HIS A 123 0.15 -12.14 -4.59
C HIS A 123 -0.19 -13.17 -5.66
N ARG A 124 0.37 -12.98 -6.85
CA ARG A 124 0.25 -13.95 -7.95
C ARG A 124 1.03 -15.23 -7.65
N ILE A 125 2.15 -15.08 -6.93
CA ILE A 125 3.04 -16.19 -6.63
C ILE A 125 2.51 -17.04 -5.47
N ASP A 126 2.39 -18.35 -5.72
CA ASP A 126 2.02 -19.31 -4.69
C ASP A 126 3.27 -20.04 -4.21
N LEU A 127 3.45 -20.09 -2.89
CA LEU A 127 4.65 -20.68 -2.27
C LEU A 127 4.68 -22.20 -2.38
N GLU A 128 3.50 -22.82 -2.36
CA GLU A 128 3.40 -24.28 -2.45
C GLU A 128 3.72 -24.81 -3.83
N LYS A 129 3.48 -24.01 -4.87
CA LYS A 129 3.82 -24.35 -6.24
C LYS A 129 5.28 -24.00 -6.55
N GLY A 130 5.55 -23.63 -7.79
CA GLY A 130 6.90 -23.23 -8.21
C GLY A 130 6.91 -21.93 -8.99
N LEU A 131 8.10 -21.34 -9.13
CA LEU A 131 8.29 -20.12 -9.91
C LEU A 131 8.33 -20.41 -11.41
N GLU A 132 8.02 -21.65 -11.77
CA GLU A 132 8.05 -22.11 -13.16
C GLU A 132 6.67 -22.53 -13.67
N ASN A 133 5.77 -22.85 -12.74
CA ASN A 133 4.46 -23.41 -13.08
C ASN A 133 3.30 -22.42 -12.93
N GLN A 134 3.61 -21.14 -12.78
CA GLN A 134 2.60 -20.12 -12.51
C GLN A 134 2.56 -18.98 -13.53
N ASP A 135 3.18 -19.21 -14.69
CA ASP A 135 3.24 -18.23 -15.78
C ASP A 135 3.82 -16.88 -15.32
N LEU A 136 4.94 -16.94 -14.61
CA LEU A 136 5.58 -15.75 -14.03
C LEU A 136 6.80 -15.31 -14.85
N GLU A 137 6.70 -15.49 -16.17
CA GLU A 137 7.78 -15.11 -17.09
C GLU A 137 7.82 -13.60 -17.29
N ASP A 138 6.67 -12.95 -17.13
CA ASP A 138 6.55 -11.50 -17.28
C ASP A 138 7.17 -10.71 -16.12
N LEU A 139 7.47 -11.42 -15.03
CA LEU A 139 8.05 -10.79 -13.84
C LEU A 139 9.54 -11.13 -13.64
N ASP A 140 10.08 -11.97 -14.53
CA ASP A 140 11.50 -12.33 -14.46
C ASP A 140 12.34 -11.42 -15.36
N ILE A 141 12.38 -10.14 -15.01
CA ILE A 141 13.20 -9.14 -15.69
C ILE A 141 14.17 -8.49 -14.70
N PRO A 142 15.27 -7.86 -15.20
CA PRO A 142 16.18 -7.15 -14.31
C PRO A 142 15.46 -6.16 -13.40
N LEU A 143 15.86 -6.15 -12.13
CA LEU A 143 15.20 -5.37 -11.08
C LEU A 143 15.10 -3.88 -11.39
N ASN A 144 16.20 -3.31 -11.88
CA ASN A 144 16.25 -1.88 -12.25
C ASN A 144 15.23 -1.49 -13.32
N GLU A 145 14.98 -2.42 -14.26
CA GLU A 145 13.99 -2.21 -15.31
C GLU A 145 12.57 -2.28 -14.76
N TYR A 146 12.36 -3.15 -13.77
CA TYR A 146 11.06 -3.31 -13.12
C TYR A 146 10.75 -2.17 -12.15
N VAL A 147 11.78 -1.68 -11.47
CA VAL A 147 11.65 -0.54 -10.54
C VAL A 147 11.27 0.74 -11.28
N ASP A 148 11.81 0.90 -12.49
CA ASP A 148 11.50 2.05 -13.35
C ASP A 148 10.09 2.02 -13.91
N LYS A 149 9.47 0.83 -13.95
CA LYS A 149 8.09 0.67 -14.38
C LYS A 149 7.12 1.27 -13.35
N LEU A 150 7.53 1.25 -12.09
CA LEU A 150 6.79 1.89 -11.00
C LEU A 150 6.91 3.41 -11.08
N ASP A 151 8.03 3.87 -11.65
CA ASP A 151 8.38 5.29 -11.75
C ASP A 151 8.33 5.97 -10.38
N LEU A 152 9.12 5.43 -9.45
CA LEU A 152 9.13 5.91 -8.07
C LEU A 152 9.89 7.22 -7.90
N PRO A 153 9.31 8.16 -7.12
CA PRO A 153 9.96 9.41 -6.75
C PRO A 153 11.28 9.18 -6.00
N PRO A 154 12.26 10.10 -6.17
CA PRO A 154 13.66 9.99 -5.75
C PRO A 154 13.95 9.17 -4.48
N VAL A 155 13.32 9.54 -3.36
CA VAL A 155 13.60 8.92 -2.07
C VAL A 155 13.10 7.47 -2.00
N SER A 156 11.85 7.26 -2.41
CA SER A 156 11.24 5.92 -2.40
C SER A 156 11.89 4.96 -3.38
N ARG A 157 12.43 5.51 -4.46
CA ARG A 157 13.13 4.73 -5.48
C ARG A 157 14.43 4.15 -4.93
N GLN A 158 15.28 5.02 -4.37
CA GLN A 158 16.58 4.61 -3.86
C GLN A 158 16.50 3.80 -2.57
N PHE A 159 15.49 4.08 -1.76
CA PHE A 159 15.26 3.33 -0.51
C PHE A 159 14.89 1.87 -0.80
N LEU A 160 14.11 1.66 -1.85
CA LEU A 160 13.71 0.31 -2.28
C LEU A 160 14.88 -0.41 -2.96
N LEU A 161 15.69 0.35 -3.69
CA LEU A 161 16.85 -0.20 -4.40
C LEU A 161 18.00 -0.55 -3.45
N ALA A 162 18.08 0.14 -2.32
CA ALA A 162 19.12 -0.10 -1.31
C ALA A 162 18.86 -1.39 -0.52
N TRP A 163 17.61 -1.57 -0.10
CA TRP A 163 17.23 -2.76 0.66
C TRP A 163 17.19 -4.03 -0.19
N ALA A 164 16.92 -3.88 -1.48
CA ALA A 164 16.91 -5.00 -2.42
C ALA A 164 18.32 -5.51 -2.68
N TRP A 165 19.27 -4.59 -2.76
CA TRP A 165 20.70 -4.92 -2.91
C TRP A 165 21.25 -5.48 -1.59
N ASN A 166 20.62 -5.12 -0.48
CA ASN A 166 20.93 -5.76 0.79
C ASN A 166 20.43 -7.17 0.77
N MET A 167 19.13 -7.31 0.59
CA MET A 167 18.47 -8.60 0.80
C MET A 167 18.87 -9.68 -0.20
N LEU A 168 18.83 -9.34 -1.49
CA LEU A 168 19.19 -10.28 -2.55
C LEU A 168 20.70 -10.48 -2.65
N GLY A 169 21.45 -9.43 -2.35
CA GLY A 169 22.92 -9.47 -2.43
C GLY A 169 23.43 -9.40 -3.85
N GLN A 170 22.70 -8.66 -4.70
CA GLN A 170 23.05 -8.47 -6.10
C GLN A 170 22.49 -7.14 -6.60
N PRO A 171 23.27 -6.40 -7.42
CA PRO A 171 22.82 -5.10 -7.94
C PRO A 171 21.56 -5.21 -8.80
N ALA A 172 20.83 -4.11 -8.91
CA ALA A 172 19.53 -4.06 -9.58
C ALA A 172 19.53 -4.55 -11.03
N ASP A 173 20.64 -4.36 -11.73
CA ASP A 173 20.77 -4.81 -13.12
C ASP A 173 20.93 -6.33 -13.23
N GLN A 174 21.40 -6.95 -12.15
CA GLN A 174 21.60 -8.41 -12.10
C GLN A 174 20.46 -9.12 -11.39
N ALA A 175 19.84 -8.43 -10.43
CA ALA A 175 18.74 -8.98 -9.63
C ALA A 175 17.47 -9.15 -10.45
N SER A 176 16.72 -10.21 -10.15
CA SER A 176 15.45 -10.48 -10.82
C SER A 176 14.28 -9.95 -9.99
N ALA A 177 13.30 -9.38 -10.68
CA ALA A 177 12.09 -8.86 -10.02
C ALA A 177 11.23 -9.99 -9.46
N LEU A 178 11.23 -11.13 -10.15
CA LEU A 178 10.49 -12.30 -9.73
C LEU A 178 10.94 -12.82 -8.36
N TRP A 179 12.25 -12.81 -8.14
CA TRP A 179 12.82 -13.23 -6.86
C TRP A 179 12.61 -12.19 -5.76
N MET A 180 12.58 -10.93 -6.16
CA MET A 180 12.27 -9.82 -5.26
C MET A 180 10.82 -9.91 -4.79
N LEU A 181 9.93 -10.24 -5.71
CA LEU A 181 8.50 -10.43 -5.40
C LEU A 181 8.26 -11.76 -4.67
N GLN A 182 9.15 -12.72 -4.90
CA GLN A 182 9.12 -14.00 -4.17
C GLN A 182 9.42 -13.80 -2.69
N LEU A 183 10.40 -12.95 -2.40
CA LEU A 183 10.76 -12.61 -1.02
C LEU A 183 9.64 -11.85 -0.30
N VAL A 184 8.86 -11.09 -1.07
CA VAL A 184 7.66 -10.43 -0.56
C VAL A 184 6.61 -11.49 -0.24
N ALA A 185 6.39 -12.40 -1.19
CA ALA A 185 5.42 -13.50 -1.05
C ALA A 185 5.79 -14.47 0.07
N ALA A 186 7.09 -14.64 0.30
CA ALA A 186 7.59 -15.52 1.36
C ALA A 186 7.37 -14.94 2.75
N HIS A 187 7.43 -13.61 2.85
CA HIS A 187 7.25 -12.90 4.12
C HIS A 187 5.80 -12.46 4.32
N HIS A 188 4.88 -13.41 4.28
CA HIS A 188 3.47 -13.15 4.44
C HIS A 188 2.99 -11.98 3.62
N TYR A 189 3.32 -12.04 2.34
CA TYR A 189 2.91 -11.02 1.37
C TYR A 189 3.03 -9.61 1.95
N SER A 190 4.27 -9.17 2.14
CA SER A 190 4.57 -7.90 2.78
C SER A 190 5.95 -7.38 2.37
N ILE A 191 5.98 -6.18 1.80
CA ILE A 191 7.25 -5.52 1.44
C ILE A 191 7.99 -4.97 2.66
N LEU A 192 7.23 -4.64 3.70
CA LEU A 192 7.79 -4.20 4.98
C LEU A 192 8.21 -5.40 5.83
N GLY A 193 7.53 -6.53 5.62
CA GLY A 193 7.79 -7.76 6.36
C GLY A 193 9.08 -8.46 5.99
N VAL A 194 9.79 -7.92 5.01
CA VAL A 194 11.11 -8.43 4.63
C VAL A 194 12.16 -7.94 5.63
N VAL A 195 11.97 -6.72 6.12
CA VAL A 195 12.90 -6.08 7.05
C VAL A 195 12.43 -6.21 8.50
N LEU A 196 11.14 -6.01 8.73
CA LEU A 196 10.58 -5.99 10.09
C LEU A 196 10.37 -7.39 10.69
N SER A 197 10.72 -8.43 9.93
CA SER A 197 10.60 -9.81 10.40
C SER A 197 11.76 -10.24 11.31
N LEU A 198 12.72 -9.34 11.49
CA LEU A 198 13.83 -9.56 12.43
C LEU A 198 13.32 -9.34 13.86
N ASP A 199 12.61 -10.34 14.38
CA ASP A 199 11.96 -10.22 15.68
C ASP A 199 12.87 -10.61 16.84
N GLU A 200 13.40 -11.83 16.81
CA GLU A 200 14.27 -12.32 17.87
C GLU A 200 15.60 -12.85 17.32
N VAL A 201 16.62 -12.84 18.18
CA VAL A 201 17.97 -13.26 17.79
C VAL A 201 18.48 -14.42 18.64
N PHE A 202 19.49 -15.13 18.13
CA PHE A 202 20.21 -16.15 18.90
C PHE A 202 21.04 -15.46 19.98
N SER A 203 20.67 -15.70 21.24
CA SER A 203 21.34 -15.07 22.38
C SER A 203 22.77 -15.58 22.57
N ASN A 204 22.97 -16.87 22.35
CA ASN A 204 24.29 -17.48 22.42
C ASN A 204 24.88 -17.83 21.06
N GLY A 205 24.20 -17.41 19.99
CA GLY A 205 24.64 -17.67 18.64
C GLY A 205 24.11 -18.99 18.09
N SER A 206 24.35 -19.22 16.80
CA SER A 206 23.92 -20.45 16.13
C SER A 206 24.72 -21.67 16.57
N ALA A 207 25.92 -21.43 17.11
CA ALA A 207 26.85 -22.48 17.53
C ALA A 207 26.26 -23.44 18.56
N ASP A 208 25.43 -22.91 19.46
CA ASP A 208 24.77 -23.71 20.50
C ASP A 208 23.77 -24.72 19.92
N LEU A 209 23.03 -24.30 18.89
CA LEU A 209 22.05 -25.16 18.24
C LEU A 209 22.71 -26.13 17.25
N VAL A 210 23.85 -25.71 16.69
CA VAL A 210 24.64 -26.55 15.79
C VAL A 210 25.28 -27.73 16.53
N ASP A 211 25.89 -27.44 17.68
CA ASP A 211 26.54 -28.46 18.50
C ASP A 211 25.55 -29.42 19.15
N ALA A 212 24.36 -28.91 19.47
CA ALA A 212 23.31 -29.72 20.10
C ALA A 212 22.71 -30.74 19.13
N MET A 213 22.57 -30.36 17.87
CA MET A 213 22.09 -31.26 16.82
C MET A 213 23.14 -32.31 16.47
N SER A 214 24.42 -31.91 16.51
CA SER A 214 25.55 -32.79 16.22
C SER A 214 25.74 -33.86 17.29
N GLN A 215 25.24 -33.58 18.50
CA GLN A 215 25.34 -34.48 19.63
C GLN A 215 24.51 -35.75 19.45
N GLU A 216 23.41 -35.63 18.69
CA GLU A 216 22.51 -36.75 18.45
C GLU A 216 22.77 -37.47 17.12
N ILE A 217 23.92 -37.18 16.51
CA ILE A 217 24.35 -37.88 15.30
C ILE A 217 25.58 -38.74 15.62
N PRO A 218 25.45 -40.07 15.44
CA PRO A 218 26.50 -41.01 15.85
C PRO A 218 27.74 -41.03 14.95
N GLU A 219 27.58 -40.80 13.66
CA GLU A 219 28.68 -40.96 12.73
C GLU A 219 28.88 -39.77 11.80
N ILE A 220 29.88 -38.96 12.11
CA ILE A 220 30.22 -37.76 11.34
C ILE A 220 31.69 -37.83 10.91
N ARG A 221 31.93 -37.67 9.61
CA ARG A 221 33.29 -37.67 9.07
C ARG A 221 33.65 -36.29 8.51
N LEU A 222 34.48 -35.57 9.26
CA LEU A 222 34.88 -34.21 8.89
C LEU A 222 36.00 -34.20 7.86
N GLN A 223 36.11 -33.09 7.14
CA GLN A 223 37.10 -32.90 6.06
C GLN A 223 36.95 -33.96 4.95
N THR A 224 35.72 -34.40 4.73
CA THR A 224 35.41 -35.46 3.77
C THR A 224 34.59 -34.88 2.62
N VAL A 225 35.30 -34.40 1.59
CA VAL A 225 34.68 -33.75 0.44
C VAL A 225 34.13 -34.78 -0.55
N VAL A 226 32.82 -34.82 -0.69
CA VAL A 226 32.15 -35.70 -1.65
C VAL A 226 32.27 -35.12 -3.06
N THR A 227 32.84 -35.92 -3.96
CA THR A 227 33.05 -35.50 -5.35
C THR A 227 32.08 -36.16 -6.33
N GLY A 228 31.30 -37.12 -5.86
CA GLY A 228 30.34 -37.82 -6.72
C GLY A 228 29.39 -38.77 -6.01
N ILE A 229 28.14 -38.79 -6.47
CA ILE A 229 27.13 -39.74 -6.01
C ILE A 229 26.66 -40.57 -7.21
N ASP A 230 26.79 -41.89 -7.09
CA ASP A 230 26.51 -42.81 -8.20
C ASP A 230 25.47 -43.86 -7.81
N GLN A 231 24.29 -43.78 -8.41
CA GLN A 231 23.22 -44.70 -8.10
C GLN A 231 22.95 -45.57 -9.31
N SER A 232 24.01 -46.00 -9.97
CA SER A 232 23.94 -47.13 -10.87
C SER A 232 23.39 -48.33 -10.13
N GLY A 233 24.25 -49.01 -9.39
CA GLY A 233 23.94 -50.33 -8.91
C GLY A 233 22.68 -50.35 -8.08
N ASP A 234 22.49 -51.44 -7.36
CA ASP A 234 21.25 -51.66 -6.63
C ASP A 234 21.33 -50.80 -5.40
N VAL A 235 22.56 -50.41 -5.06
CA VAL A 235 22.79 -49.48 -3.98
C VAL A 235 23.54 -48.24 -4.50
N VAL A 236 23.38 -47.11 -3.82
CA VAL A 236 24.00 -45.86 -4.25
C VAL A 236 25.40 -45.69 -3.67
N ASN A 237 26.38 -45.48 -4.55
CA ASN A 237 27.77 -45.31 -4.17
C ASN A 237 28.17 -43.83 -4.11
N VAL A 238 28.75 -43.44 -2.97
CA VAL A 238 29.21 -42.07 -2.75
C VAL A 238 30.74 -42.05 -2.72
N THR A 239 31.34 -41.43 -3.74
CA THR A 239 32.80 -41.31 -3.81
C THR A 239 33.30 -39.99 -3.21
N VAL A 240 34.50 -40.02 -2.65
CA VAL A 240 35.07 -38.89 -1.91
C VAL A 240 36.40 -38.44 -2.50
N LYS A 241 36.63 -37.14 -2.54
CA LYS A 241 37.97 -36.59 -2.70
C LYS A 241 39.03 -37.67 -2.50
N ASP A 242 39.37 -37.93 -1.25
CA ASP A 242 40.39 -38.92 -0.91
C ASP A 242 39.93 -40.33 -1.25
N GLY A 243 39.86 -40.65 -2.55
CA GLY A 243 39.80 -42.01 -3.00
C GLY A 243 38.59 -42.77 -2.49
N HIS A 244 38.48 -42.88 -1.17
CA HIS A 244 37.61 -43.86 -0.54
C HIS A 244 36.21 -43.72 -1.10
N ALA A 245 35.28 -44.55 -0.65
CA ALA A 245 33.90 -44.40 -1.06
C ALA A 245 32.96 -45.07 -0.10
N PHE A 246 31.74 -44.55 0.01
CA PHE A 246 30.76 -45.13 0.88
C PHE A 246 29.53 -45.56 0.12
N GLN A 247 28.71 -46.38 0.75
CA GLN A 247 27.54 -46.88 0.08
C GLN A 247 26.34 -46.78 0.99
N ALA A 248 25.22 -46.37 0.41
CA ALA A 248 23.94 -46.30 1.13
C ALA A 248 22.76 -46.46 0.19
N HIS A 249 21.63 -46.89 0.75
CA HIS A 249 20.38 -47.07 -0.02
C HIS A 249 19.85 -45.73 -0.54
N SER A 250 19.70 -44.76 0.36
CA SER A 250 19.28 -43.41 -0.02
C SER A 250 20.40 -42.41 0.29
N VAL A 251 20.45 -41.32 -0.47
CA VAL A 251 21.49 -40.30 -0.29
C VAL A 251 20.89 -38.90 -0.17
N ILE A 252 21.22 -38.23 0.93
CA ILE A 252 20.78 -36.86 1.18
C ILE A 252 21.88 -35.88 0.75
N VAL A 253 21.51 -34.95 -0.12
CA VAL A 253 22.43 -33.87 -0.53
C VAL A 253 22.01 -32.57 0.17
N ALA A 254 22.73 -32.23 1.23
CA ALA A 254 22.46 -31.03 2.01
C ALA A 254 23.53 -29.96 1.79
N THR A 255 23.94 -29.81 0.53
CA THR A 255 24.97 -28.84 0.15
C THR A 255 24.33 -27.70 -0.67
N PRO A 256 24.95 -26.51 -0.64
CA PRO A 256 24.42 -25.37 -1.41
C PRO A 256 24.34 -25.65 -2.91
N MET A 257 23.43 -24.94 -3.59
CA MET A 257 23.15 -25.14 -5.02
C MET A 257 24.37 -24.91 -5.92
N ASN A 258 25.21 -23.95 -5.54
CA ASN A 258 26.40 -23.60 -6.32
C ASN A 258 27.54 -24.63 -6.23
N THR A 259 27.36 -25.67 -5.43
CA THR A 259 28.38 -26.72 -5.26
C THR A 259 27.97 -28.07 -5.84
N TRP A 260 26.73 -28.17 -6.33
CA TRP A 260 26.23 -29.40 -6.94
C TRP A 260 26.94 -29.74 -8.25
N ARG A 261 27.38 -28.70 -8.96
CA ARG A 261 28.07 -28.85 -10.24
C ARG A 261 29.45 -29.51 -10.11
N ARG A 262 30.03 -29.44 -8.92
CA ARG A 262 31.34 -30.04 -8.64
C ARG A 262 31.22 -31.53 -8.34
N ILE A 263 29.98 -31.99 -8.16
CA ILE A 263 29.68 -33.39 -7.87
C ILE A 263 29.17 -34.08 -9.14
N VAL A 264 29.83 -35.18 -9.50
CA VAL A 264 29.43 -35.97 -10.67
C VAL A 264 28.31 -36.96 -10.33
N PHE A 265 27.13 -36.73 -10.93
CA PHE A 265 25.96 -37.58 -10.68
C PHE A 265 25.80 -38.61 -11.80
N THR A 266 25.59 -39.86 -11.40
CA THR A 266 25.39 -40.96 -12.35
C THR A 266 24.23 -41.85 -11.90
N PRO A 267 23.14 -41.91 -12.71
CA PRO A 267 22.94 -41.13 -13.94
C PRO A 267 22.76 -39.63 -13.68
N ALA A 268 23.01 -38.83 -14.70
CA ALA A 268 22.95 -37.37 -14.60
C ALA A 268 21.56 -36.86 -14.22
N LEU A 269 21.54 -35.76 -13.47
CA LEU A 269 20.30 -35.10 -13.04
C LEU A 269 19.42 -34.68 -14.23
N PRO A 270 18.09 -34.72 -14.05
CA PRO A 270 17.10 -34.39 -15.09
C PRO A 270 17.46 -33.17 -15.94
N GLU A 271 17.12 -33.25 -17.23
CA GLU A 271 17.45 -32.22 -18.22
C GLU A 271 16.95 -30.82 -17.86
N ARG A 272 15.77 -30.76 -17.25
CA ARG A 272 15.21 -29.50 -16.78
C ARG A 272 16.15 -28.79 -15.81
N ARG A 273 16.82 -29.58 -14.98
CA ARG A 273 17.65 -29.02 -13.91
C ARG A 273 19.04 -28.67 -14.42
N ARG A 274 19.53 -29.46 -15.37
CA ARG A 274 20.97 -29.55 -15.62
C ARG A 274 21.62 -28.17 -15.69
N SER A 275 21.07 -27.31 -16.55
CA SER A 275 21.83 -26.19 -17.08
C SER A 275 21.95 -25.07 -16.06
N VAL A 276 20.89 -24.87 -15.27
CA VAL A 276 20.87 -23.80 -14.25
C VAL A 276 21.86 -24.09 -13.13
N ILE A 277 22.03 -25.38 -12.80
CA ILE A 277 22.99 -25.82 -11.78
C ILE A 277 24.43 -25.54 -12.22
N GLU A 278 24.72 -25.72 -13.49
CA GLU A 278 26.07 -25.51 -13.97
C GLU A 278 26.48 -24.05 -13.93
N GLU A 279 25.58 -23.17 -14.33
CA GLU A 279 25.87 -21.73 -14.30
C GLU A 279 25.72 -21.13 -12.90
N GLY A 280 24.83 -21.73 -12.09
CA GLY A 280 24.64 -21.32 -10.71
C GLY A 280 23.85 -20.03 -10.53
N HIS A 281 23.30 -19.83 -9.33
CA HIS A 281 22.56 -18.62 -9.01
C HIS A 281 23.50 -17.43 -8.81
N GLY A 282 22.98 -16.23 -9.04
CA GLY A 282 23.79 -15.01 -8.99
C GLY A 282 23.84 -14.35 -7.62
N GLY A 283 23.87 -15.17 -6.57
CA GLY A 283 23.97 -14.68 -5.19
C GLY A 283 25.39 -14.28 -4.86
N GLN A 284 25.59 -12.97 -4.72
CA GLN A 284 26.92 -12.41 -4.47
C GLN A 284 27.02 -11.66 -3.15
N GLY A 285 26.00 -11.83 -2.30
CA GLY A 285 25.89 -11.13 -1.01
C GLY A 285 27.17 -11.09 -0.19
N LEU A 286 27.48 -9.91 0.33
CA LEU A 286 28.70 -9.70 1.11
C LEU A 286 28.37 -8.98 2.42
N LYS A 287 28.80 -9.56 3.53
CA LYS A 287 28.54 -9.03 4.86
C LYS A 287 29.84 -8.73 5.60
N ILE A 288 30.10 -7.45 5.83
CA ILE A 288 31.32 -7.01 6.53
C ILE A 288 30.98 -6.43 7.89
N LEU A 289 31.67 -6.91 8.92
CA LEU A 289 31.52 -6.40 10.28
C LEU A 289 32.63 -5.39 10.58
N ILE A 290 32.29 -4.11 10.48
CA ILE A 290 33.26 -3.03 10.67
C ILE A 290 33.48 -2.74 12.15
N HIS A 291 34.73 -2.79 12.58
CA HIS A 291 35.12 -2.42 13.94
C HIS A 291 35.39 -0.91 13.97
N VAL A 292 34.58 -0.18 14.72
CA VAL A 292 34.58 1.29 14.66
C VAL A 292 34.81 1.98 16.00
N ARG A 293 35.15 3.27 15.93
CA ARG A 293 35.31 4.12 17.10
C ARG A 293 34.64 5.46 16.85
N GLY A 294 33.87 5.94 17.83
CA GLY A 294 33.16 7.20 17.72
C GLY A 294 31.75 7.04 17.18
N ALA A 295 31.18 5.85 17.34
CA ALA A 295 29.83 5.55 16.89
C ALA A 295 28.91 5.24 18.06
N GLU A 296 27.72 5.82 18.03
CA GLU A 296 26.72 5.61 19.08
C GLU A 296 25.94 4.31 18.87
N ALA A 297 25.02 4.00 19.78
CA ALA A 297 24.24 2.77 19.73
C ALA A 297 22.95 2.94 18.93
N GLY A 298 22.68 1.99 18.03
CA GLY A 298 21.43 1.96 17.27
C GLY A 298 21.38 2.91 16.08
N ILE A 299 22.48 2.99 15.33
CA ILE A 299 22.53 3.80 14.11
C ILE A 299 22.05 2.97 12.93
N GLU A 300 21.28 3.60 12.04
CA GLU A 300 20.86 2.96 10.79
C GLU A 300 21.12 3.90 9.61
N CYS A 301 21.98 3.46 8.70
CA CYS A 301 22.36 4.26 7.53
C CYS A 301 22.00 3.51 6.24
N VAL A 302 20.82 3.83 5.70
CA VAL A 302 20.35 3.26 4.44
C VAL A 302 20.35 4.36 3.38
N GLY A 303 21.30 4.30 2.46
CA GLY A 303 21.48 5.35 1.46
C GLY A 303 21.61 4.87 0.03
N ASP A 304 22.68 5.31 -0.63
CA ASP A 304 22.86 5.05 -2.06
C ASP A 304 24.30 4.69 -2.45
N GLY A 305 25.20 4.66 -1.47
CA GLY A 305 26.61 4.38 -1.70
C GLY A 305 26.90 2.94 -2.06
N ILE A 306 28.19 2.58 -2.03
CA ILE A 306 28.64 1.22 -2.31
C ILE A 306 28.22 0.28 -1.17
N PHE A 307 27.87 0.89 -0.03
CA PHE A 307 27.29 0.18 1.12
C PHE A 307 25.84 0.63 1.26
N PRO A 308 24.90 -0.05 0.56
CA PRO A 308 23.49 0.37 0.58
C PRO A 308 22.88 0.42 1.98
N THR A 309 23.29 -0.50 2.86
CA THR A 309 22.84 -0.52 4.25
C THR A 309 24.02 -0.69 5.20
N LEU A 310 24.13 0.24 6.15
CA LEU A 310 25.15 0.19 7.19
C LEU A 310 24.53 0.52 8.54
N TYR A 311 24.43 -0.49 9.41
CA TYR A 311 23.78 -0.30 10.70
C TYR A 311 24.48 -1.00 11.87
N ASP A 312 24.01 -0.71 13.08
CA ASP A 312 24.61 -1.21 14.33
C ASP A 312 24.47 -2.72 14.47
N TYR A 313 25.56 -3.37 14.90
CA TYR A 313 25.55 -4.81 15.15
C TYR A 313 25.55 -5.12 16.65
N CYS A 314 26.67 -4.86 17.32
CA CYS A 314 26.78 -5.08 18.77
C CYS A 314 27.80 -4.15 19.44
N GLU A 315 27.71 -4.05 20.76
CA GLU A 315 28.63 -3.25 21.56
C GLU A 315 29.93 -3.99 21.80
N VAL A 316 31.05 -3.33 21.51
CA VAL A 316 32.37 -3.86 21.82
C VAL A 316 32.79 -3.40 23.22
N SER A 317 32.78 -2.07 23.42
CA SER A 317 33.11 -1.47 24.71
C SER A 317 32.38 -0.14 24.90
N GLU A 318 32.92 0.72 25.77
CA GLU A 318 32.35 2.04 26.06
C GLU A 318 32.32 2.95 24.82
N SER A 319 33.38 2.89 24.02
CA SER A 319 33.50 3.71 22.82
C SER A 319 33.46 2.88 21.54
N GLU A 320 34.15 1.75 21.55
CA GLU A 320 34.22 0.85 20.39
C GLU A 320 32.91 0.10 20.18
N ARG A 321 32.52 -0.03 18.91
CA ARG A 321 31.32 -0.76 18.53
C ARG A 321 31.54 -1.56 17.23
N LEU A 322 30.55 -2.36 16.86
CA LEU A 322 30.57 -3.07 15.58
C LEU A 322 29.42 -2.59 14.69
N LEU A 323 29.77 -2.22 13.45
CA LEU A 323 28.78 -1.87 12.44
C LEU A 323 28.77 -2.93 11.34
N VAL A 324 27.57 -3.42 11.02
CA VAL A 324 27.41 -4.44 9.98
C VAL A 324 26.99 -3.84 8.64
N ALA A 325 27.76 -4.12 7.61
CA ALA A 325 27.52 -3.60 6.28
C ALA A 325 27.12 -4.71 5.31
N PHE A 326 26.19 -4.38 4.41
CA PHE A 326 25.75 -5.33 3.39
C PHE A 326 25.95 -4.77 1.99
N THR A 327 26.57 -5.58 1.14
CA THR A 327 26.84 -5.24 -0.26
C THR A 327 26.96 -6.54 -1.06
N ASP A 328 27.49 -6.47 -2.28
CA ASP A 328 27.80 -7.67 -3.05
C ASP A 328 29.30 -7.79 -3.33
N SER A 329 29.77 -9.03 -3.52
CA SER A 329 31.19 -9.33 -3.71
C SER A 329 31.75 -8.80 -5.05
N GLY A 330 30.89 -8.72 -6.06
CA GLY A 330 31.29 -8.25 -7.38
C GLY A 330 31.53 -6.75 -7.46
N SER A 331 30.70 -5.98 -6.76
CA SER A 331 30.80 -4.52 -6.78
C SER A 331 31.86 -4.00 -5.80
N PHE A 332 31.75 -4.42 -4.55
CA PHE A 332 32.67 -3.97 -3.51
C PHE A 332 33.82 -4.96 -3.27
N ASP A 333 35.03 -4.45 -3.07
CA ASP A 333 36.13 -5.30 -2.66
C ASP A 333 36.61 -5.07 -1.25
N PRO A 334 36.42 -6.07 -0.42
CA PRO A 334 36.71 -6.02 1.02
C PRO A 334 38.20 -5.98 1.35
N THR A 335 39.04 -6.35 0.40
CA THR A 335 40.47 -6.42 0.62
C THR A 335 41.13 -5.05 0.55
N ASP A 336 40.45 -4.12 -0.10
CA ASP A 336 40.84 -2.72 -0.12
C ASP A 336 40.28 -2.00 1.11
N ILE A 337 41.15 -1.77 2.10
CA ILE A 337 40.76 -1.13 3.36
C ILE A 337 40.45 0.36 3.19
N GLY A 338 41.01 0.97 2.15
CA GLY A 338 40.72 2.35 1.78
C GLY A 338 39.32 2.51 1.23
N ALA A 339 38.86 1.49 0.50
CA ALA A 339 37.50 1.44 -0.03
C ALA A 339 36.47 1.22 1.08
N VAL A 340 36.88 0.52 2.13
CA VAL A 340 36.05 0.33 3.32
C VAL A 340 35.85 1.67 4.04
N LYS A 341 36.95 2.40 4.25
CA LYS A 341 36.92 3.70 4.91
C LYS A 341 36.06 4.71 4.14
N ASP A 342 36.23 4.75 2.82
CA ASP A 342 35.46 5.65 1.96
C ASP A 342 33.97 5.35 1.95
N ALA A 343 33.63 4.08 2.18
CA ALA A 343 32.24 3.64 2.24
C ALA A 343 31.58 4.01 3.57
N VAL A 344 32.35 3.94 4.65
CA VAL A 344 31.87 4.28 6.00
C VAL A 344 31.78 5.80 6.18
N LEU A 345 32.79 6.52 5.70
CA LEU A 345 32.84 7.98 5.79
C LEU A 345 31.75 8.66 4.95
N TYR A 346 31.20 7.93 3.98
CA TYR A 346 30.10 8.41 3.15
C TYR A 346 28.83 8.62 3.98
N TYR A 347 28.64 7.78 5.00
CA TYR A 347 27.48 7.87 5.88
C TYR A 347 27.84 8.53 7.22
N LEU A 348 28.98 8.14 7.77
CA LEU A 348 29.44 8.66 9.06
C LEU A 348 30.90 9.15 8.97
N PRO A 349 31.08 10.46 8.73
CA PRO A 349 32.42 11.07 8.60
C PRO A 349 33.19 11.14 9.93
N GLU A 350 32.48 11.24 11.04
CA GLU A 350 33.11 11.33 12.37
C GLU A 350 33.60 9.97 12.88
N VAL A 351 33.04 8.90 12.32
CA VAL A 351 33.36 7.54 12.73
C VAL A 351 34.62 7.02 12.02
N GLU A 352 35.58 6.56 12.80
CA GLU A 352 36.83 6.01 12.26
C GLU A 352 36.85 4.48 12.26
N VAL A 353 37.41 3.91 11.20
CA VAL A 353 37.49 2.46 11.03
C VAL A 353 38.76 1.91 11.68
N LEU A 354 38.58 0.95 12.58
CA LEU A 354 39.70 0.31 13.26
C LEU A 354 40.08 -1.03 12.62
N GLY A 355 39.08 -1.73 12.08
CA GLY A 355 39.30 -3.02 11.42
C GLY A 355 38.04 -3.61 10.81
N ILE A 356 38.20 -4.71 10.10
CA ILE A 356 37.08 -5.40 9.45
C ILE A 356 37.08 -6.90 9.74
N ASP A 357 35.89 -7.51 9.71
CA ASP A 357 35.74 -8.95 9.89
C ASP A 357 34.61 -9.48 9.01
N TYR A 358 34.95 -10.46 8.16
CA TYR A 358 34.01 -11.02 7.21
C TYR A 358 34.42 -12.43 6.75
N HIS A 359 33.59 -13.05 5.93
CA HIS A 359 33.93 -14.30 5.27
C HIS A 359 33.46 -14.26 3.81
N ASP A 360 34.41 -14.47 2.89
CA ASP A 360 34.11 -14.50 1.47
C ASP A 360 33.49 -15.84 1.10
N TRP A 361 32.15 -15.89 1.15
CA TRP A 361 31.40 -17.13 0.90
C TRP A 361 31.46 -17.58 -0.55
N ILE A 362 31.55 -16.62 -1.48
CA ILE A 362 31.61 -16.92 -2.91
C ILE A 362 32.98 -17.47 -3.34
N ALA A 363 34.01 -17.14 -2.56
CA ALA A 363 35.37 -17.62 -2.83
C ALA A 363 35.61 -19.01 -2.24
N ASP A 364 34.84 -19.36 -1.22
CA ASP A 364 34.96 -20.66 -0.56
C ASP A 364 34.38 -21.77 -1.45
N PRO A 365 35.18 -22.84 -1.67
CA PRO A 365 34.78 -23.94 -2.56
C PRO A 365 33.63 -24.79 -2.04
N LEU A 366 33.39 -24.73 -0.72
CA LEU A 366 32.33 -25.50 -0.08
C LEU A 366 30.98 -24.80 -0.14
N PHE A 367 30.96 -23.58 -0.66
CA PHE A 367 29.73 -22.79 -0.73
C PHE A 367 29.54 -22.13 -2.10
N GLU A 368 30.57 -21.44 -2.58
CA GLU A 368 30.56 -20.69 -3.84
C GLU A 368 29.42 -19.66 -3.90
N GLY A 369 29.02 -19.15 -2.74
CA GLY A 369 27.85 -18.29 -2.65
C GLY A 369 27.14 -18.44 -1.32
N PRO A 370 26.49 -17.37 -0.88
CA PRO A 370 26.08 -17.23 0.52
C PRO A 370 24.64 -17.68 0.74
N TRP A 371 23.69 -16.86 0.33
CA TRP A 371 22.29 -17.28 0.26
C TRP A 371 21.74 -17.16 -1.15
N VAL A 372 20.58 -17.77 -1.39
CA VAL A 372 20.12 -18.01 -2.75
C VAL A 372 19.47 -16.77 -3.41
N ALA A 373 19.97 -16.43 -4.59
CA ALA A 373 19.44 -15.34 -5.42
C ALA A 373 19.74 -15.64 -6.88
N PRO A 374 18.71 -16.10 -7.63
CA PRO A 374 18.85 -16.51 -9.03
C PRO A 374 19.17 -15.36 -9.99
N ARG A 375 19.71 -15.71 -11.15
CA ARG A 375 19.95 -14.75 -12.23
C ARG A 375 18.68 -14.57 -13.05
N VAL A 376 18.64 -13.55 -13.88
CA VAL A 376 17.45 -13.22 -14.68
C VAL A 376 17.11 -14.32 -15.68
N GLY A 377 16.06 -15.07 -15.39
CA GLY A 377 15.57 -16.13 -16.28
C GLY A 377 15.73 -17.55 -15.78
N GLN A 378 16.49 -17.72 -14.69
CA GLN A 378 16.80 -19.04 -14.16
C GLN A 378 15.61 -19.76 -13.53
N PHE A 379 15.00 -19.12 -12.53
CA PHE A 379 13.94 -19.74 -11.73
C PHE A 379 12.58 -19.77 -12.44
N SER A 380 12.49 -19.09 -13.58
CA SER A 380 11.30 -19.13 -14.42
C SER A 380 11.22 -20.44 -15.22
N ARG A 381 12.39 -21.02 -15.50
CA ARG A 381 12.47 -22.31 -16.20
C ARG A 381 12.39 -23.49 -15.23
N VAL A 382 13.32 -23.52 -14.27
CA VAL A 382 13.35 -24.58 -13.25
C VAL A 382 13.62 -23.98 -11.87
N HIS A 383 12.85 -24.44 -10.88
CA HIS A 383 12.93 -23.94 -9.51
C HIS A 383 12.43 -24.97 -8.50
N LYS A 384 11.19 -25.41 -8.70
CA LYS A 384 10.56 -26.42 -7.84
C LYS A 384 11.28 -27.77 -7.88
N GLU A 385 11.66 -28.20 -9.07
CA GLU A 385 12.28 -29.51 -9.27
C GLU A 385 13.72 -29.58 -8.76
N LEU A 386 14.36 -28.42 -8.57
CA LEU A 386 15.73 -28.34 -8.07
C LEU A 386 15.91 -28.96 -6.68
N GLY A 387 14.84 -28.91 -5.89
CA GLY A 387 14.83 -29.52 -4.56
C GLY A 387 14.00 -30.79 -4.49
N GLU A 388 13.65 -31.32 -5.66
CA GLU A 388 12.85 -32.54 -5.77
C GLU A 388 13.78 -33.72 -6.09
N PRO A 389 13.58 -34.87 -5.42
CA PRO A 389 14.49 -36.01 -5.55
C PRO A 389 14.58 -36.60 -6.96
N ALA A 390 15.77 -37.10 -7.30
CA ALA A 390 16.01 -37.77 -8.57
C ALA A 390 16.50 -39.20 -8.32
N GLY A 391 15.55 -40.12 -8.16
CA GLY A 391 15.85 -41.51 -7.82
C GLY A 391 15.91 -41.71 -6.32
N ARG A 392 17.07 -42.16 -5.84
CA ARG A 392 17.31 -42.34 -4.42
C ARG A 392 18.04 -41.14 -3.81
N ILE A 393 18.38 -40.17 -4.66
CA ILE A 393 19.10 -38.97 -4.24
C ILE A 393 18.12 -37.83 -3.94
N HIS A 394 18.16 -37.34 -2.70
CA HIS A 394 17.33 -36.20 -2.29
C HIS A 394 18.16 -34.91 -2.27
N PHE A 395 17.51 -33.79 -2.56
CA PHE A 395 18.17 -32.50 -2.57
C PHE A 395 17.51 -31.52 -1.60
N VAL A 396 18.24 -31.14 -0.55
CA VAL A 396 17.73 -30.25 0.49
C VAL A 396 18.65 -29.04 0.72
N GLY A 397 18.18 -28.11 1.54
CA GLY A 397 18.91 -26.87 1.83
C GLY A 397 18.00 -25.67 1.87
N SER A 398 18.56 -24.52 2.24
CA SER A 398 17.82 -23.26 2.23
C SER A 398 17.74 -22.70 0.81
N ASP A 399 18.59 -23.19 -0.07
CA ASP A 399 18.64 -22.77 -1.47
C ASP A 399 17.44 -23.29 -2.27
N VAL A 400 16.88 -24.41 -1.83
CA VAL A 400 15.76 -25.05 -2.54
C VAL A 400 14.42 -24.82 -1.86
N SER A 401 14.44 -24.16 -0.71
CA SER A 401 13.23 -23.88 0.07
C SER A 401 12.26 -22.98 -0.69
N LEU A 402 11.00 -23.40 -0.72
CA LEU A 402 9.94 -22.67 -1.42
C LEU A 402 9.23 -21.72 -0.45
N GLU A 403 9.07 -22.16 0.80
CA GLU A 403 8.42 -21.39 1.85
C GLU A 403 9.32 -20.24 2.33
N PHE A 404 10.44 -20.59 2.94
CA PHE A 404 11.41 -19.61 3.44
C PHE A 404 12.81 -19.83 2.85
N PRO A 405 13.08 -19.22 1.68
CA PRO A 405 14.40 -19.35 1.05
C PRO A 405 15.44 -18.44 1.71
N GLY A 406 16.62 -18.99 1.99
CA GLY A 406 17.70 -18.23 2.61
C GLY A 406 17.55 -18.05 4.11
N TYR A 407 16.74 -18.90 4.73
CA TYR A 407 16.51 -18.87 6.17
C TYR A 407 16.78 -20.23 6.80
N ILE A 408 17.10 -20.23 8.10
CA ILE A 408 17.39 -21.45 8.85
C ILE A 408 16.18 -22.38 8.91
N GLU A 409 14.98 -21.77 8.94
CA GLU A 409 13.72 -22.52 8.90
C GLU A 409 13.60 -23.33 7.61
N GLY A 410 14.00 -22.72 6.49
CA GLY A 410 13.98 -23.38 5.19
C GLY A 410 14.91 -24.58 5.11
N ALA A 411 15.99 -24.55 5.89
CA ALA A 411 16.93 -25.66 5.99
C ALA A 411 16.32 -26.84 6.74
N LEU A 412 15.50 -26.55 7.74
CA LEU A 412 14.86 -27.57 8.56
C LEU A 412 13.59 -28.11 7.91
N GLU A 413 12.89 -27.25 7.18
CA GLU A 413 11.65 -27.61 6.49
C GLU A 413 11.89 -28.57 5.32
N THR A 414 12.92 -28.29 4.53
CA THR A 414 13.28 -29.12 3.38
C THR A 414 13.80 -30.50 3.82
N ALA A 415 14.64 -30.51 4.85
CA ALA A 415 15.21 -31.74 5.39
C ALA A 415 14.14 -32.65 5.99
N GLU A 416 13.09 -32.06 6.54
CA GLU A 416 11.95 -32.78 7.11
C GLU A 416 11.20 -33.56 6.03
N CYS A 417 11.11 -32.98 4.83
CA CYS A 417 10.45 -33.62 3.69
C CYS A 417 11.27 -34.78 3.13
N ALA A 418 12.59 -34.67 3.23
CA ALA A 418 13.50 -35.72 2.77
C ALA A 418 13.48 -36.94 3.69
N VAL A 419 13.36 -36.68 4.99
CA VAL A 419 13.26 -37.75 6.00
C VAL A 419 11.93 -38.49 5.84
N ASN A 420 10.86 -37.74 5.59
CA ASN A 420 9.53 -38.30 5.37
C ASN A 420 9.44 -39.19 4.13
N ALA A 421 10.25 -38.87 3.11
CA ALA A 421 10.29 -39.64 1.87
C ALA A 421 10.97 -41.00 2.03
N ILE A 422 11.99 -41.04 2.89
CA ILE A 422 12.73 -42.29 3.14
C ILE A 422 11.96 -43.24 4.06
N LEU A 423 11.43 -42.70 5.16
CA LEU A 423 10.73 -43.50 6.16
C LEU A 423 9.38 -44.03 5.70
N HIS A 424 8.64 -43.18 4.98
CA HIS A 424 7.29 -43.53 4.54
C HIS A 424 7.25 -43.92 3.06
N SER A 425 8.35 -44.49 2.57
CA SER A 425 8.46 -44.92 1.18
C SER A 425 9.20 -46.23 1.02
N MET B 1 -40.76 28.67 -28.23
CA MET B 1 -40.14 27.36 -28.57
C MET B 1 -38.63 27.50 -28.70
N TYR B 2 -37.91 26.83 -27.79
CA TYR B 2 -36.45 26.90 -27.75
C TYR B 2 -35.81 25.66 -28.38
N ASP B 3 -34.48 25.67 -28.49
CA ASP B 3 -33.72 24.51 -28.92
C ASP B 3 -33.52 23.56 -27.74
N ALA B 4 -33.24 24.14 -26.58
CA ALA B 4 -33.06 23.39 -25.34
C ALA B 4 -33.40 24.24 -24.12
N ILE B 5 -33.99 23.61 -23.11
CA ILE B 5 -34.24 24.26 -21.82
C ILE B 5 -33.51 23.50 -20.72
N VAL B 6 -32.62 24.21 -20.02
CA VAL B 6 -31.85 23.63 -18.92
C VAL B 6 -32.50 24.01 -17.59
N VAL B 7 -32.84 22.99 -16.82
CA VAL B 7 -33.52 23.16 -15.54
C VAL B 7 -32.51 23.08 -14.39
N GLY B 8 -32.20 24.24 -13.80
CA GLY B 8 -31.24 24.32 -12.71
C GLY B 8 -30.14 25.34 -12.99
N GLY B 9 -29.80 26.13 -11.97
CA GLY B 9 -28.79 27.17 -12.10
C GLY B 9 -27.47 26.84 -11.43
N GLY B 10 -27.21 25.55 -11.23
CA GLY B 10 -25.94 25.09 -10.66
C GLY B 10 -24.84 25.01 -11.70
N PHE B 11 -23.66 24.59 -11.26
CA PHE B 11 -22.49 24.48 -12.16
C PHE B 11 -22.74 23.60 -13.39
N SER B 12 -23.57 22.58 -13.22
CA SER B 12 -23.96 21.70 -14.32
C SER B 12 -24.96 22.40 -15.25
N GLY B 13 -25.91 23.12 -14.66
CA GLY B 13 -26.93 23.84 -15.40
C GLY B 13 -26.43 25.06 -16.13
N LEU B 14 -25.50 25.78 -15.51
CA LEU B 14 -24.90 26.97 -16.09
C LEU B 14 -24.00 26.61 -17.28
N LYS B 15 -23.26 25.52 -17.16
CA LYS B 15 -22.39 25.04 -18.23
C LYS B 15 -23.19 24.50 -19.41
N ALA B 16 -24.27 23.79 -19.13
CA ALA B 16 -25.14 23.20 -20.15
C ALA B 16 -25.81 24.26 -21.03
N ALA B 17 -26.30 25.32 -20.38
CA ALA B 17 -26.98 26.41 -21.08
C ALA B 17 -26.00 27.31 -21.84
N ARG B 18 -24.82 27.53 -21.26
CA ARG B 18 -23.79 28.37 -21.84
C ARG B 18 -23.17 27.76 -23.09
N ASP B 19 -22.77 26.50 -23.00
CA ASP B 19 -22.11 25.79 -24.10
C ASP B 19 -23.02 25.62 -25.33
N LEU B 20 -24.32 25.45 -25.09
CA LEU B 20 -25.29 25.33 -26.18
C LEU B 20 -25.56 26.66 -26.87
N THR B 21 -25.60 27.74 -26.08
CA THR B 21 -25.79 29.09 -26.63
C THR B 21 -24.54 29.53 -27.41
N ASN B 22 -23.38 29.14 -26.91
CA ASN B 22 -22.10 29.40 -27.59
C ASN B 22 -21.97 28.57 -28.88
N ALA B 23 -22.67 27.44 -28.93
CA ALA B 23 -22.73 26.61 -30.13
C ALA B 23 -23.66 27.22 -31.18
N GLY B 24 -24.63 28.01 -30.71
CA GLY B 24 -25.56 28.71 -31.60
C GLY B 24 -27.00 28.29 -31.43
N LYS B 25 -27.35 27.79 -30.24
CA LYS B 25 -28.70 27.31 -29.96
C LYS B 25 -29.44 28.28 -29.04
N LYS B 26 -30.77 28.29 -29.15
CA LYS B 26 -31.63 29.11 -28.31
C LYS B 26 -31.94 28.36 -27.02
N VAL B 27 -31.41 28.87 -25.90
CA VAL B 27 -31.48 28.17 -24.62
C VAL B 27 -32.13 29.03 -23.52
N LEU B 28 -32.88 28.37 -22.64
CA LEU B 28 -33.53 29.02 -21.51
C LEU B 28 -33.11 28.38 -20.19
N LEU B 29 -32.76 29.22 -19.22
CA LEU B 29 -32.36 28.76 -17.88
C LEU B 29 -33.54 28.90 -16.91
N LEU B 30 -33.80 27.85 -16.15
CA LEU B 30 -34.86 27.87 -15.14
C LEU B 30 -34.34 27.47 -13.76
N GLU B 31 -34.28 28.45 -12.86
CA GLU B 31 -33.84 28.24 -11.48
C GLU B 31 -34.96 28.54 -10.50
N GLY B 32 -35.24 27.59 -9.62
CA GLY B 32 -36.33 27.73 -8.64
C GLY B 32 -35.98 28.59 -7.44
N GLY B 33 -34.69 28.75 -7.18
CA GLY B 33 -34.22 29.55 -6.05
C GLY B 33 -34.09 31.03 -6.36
N GLU B 34 -33.59 31.78 -5.38
CA GLU B 34 -33.40 33.23 -5.50
C GLU B 34 -31.98 33.58 -5.94
N ARG B 35 -31.17 32.55 -6.17
CA ARG B 35 -29.75 32.73 -6.51
C ARG B 35 -29.26 31.63 -7.47
N LEU B 36 -28.12 31.90 -8.11
CA LEU B 36 -27.49 30.94 -9.02
C LEU B 36 -26.27 30.30 -8.38
N GLY B 37 -25.95 29.08 -8.81
CA GLY B 37 -24.80 28.34 -8.29
C GLY B 37 -25.19 27.04 -7.60
N GLY B 38 -26.30 27.09 -6.87
CA GLY B 38 -26.81 25.91 -6.16
C GLY B 38 -26.04 25.60 -4.90
N ARG B 39 -25.46 24.40 -4.85
CA ARG B 39 -24.63 23.98 -3.72
C ARG B 39 -23.30 24.74 -3.67
N ALA B 40 -23.05 25.53 -4.71
CA ALA B 40 -21.92 26.45 -4.74
C ALA B 40 -22.28 27.73 -4.00
N TYR B 41 -22.42 27.61 -2.68
CA TYR B 41 -22.84 28.73 -1.83
C TYR B 41 -21.64 29.43 -1.21
N SER B 42 -21.33 30.61 -1.72
CA SER B 42 -20.26 31.44 -1.17
C SER B 42 -20.78 32.84 -0.83
N ARG B 43 -20.98 33.07 0.47
CA ARG B 43 -21.56 34.32 0.96
C ARG B 43 -20.83 34.85 2.20
N GLU B 44 -21.31 35.97 2.72
CA GLU B 44 -20.79 36.58 3.94
C GLU B 44 -21.13 35.72 5.16
N SER B 45 -20.19 35.64 6.10
CA SER B 45 -20.38 34.87 7.33
C SER B 45 -21.39 35.53 8.26
N ARG B 46 -22.19 34.70 8.93
CA ARG B 46 -23.20 35.17 9.87
C ARG B 46 -22.55 35.67 11.16
N ASN B 47 -21.48 35.00 11.56
CA ASN B 47 -20.77 35.31 12.80
C ASN B 47 -19.83 36.52 12.65
N VAL B 48 -19.11 36.55 11.53
CA VAL B 48 -18.16 37.62 11.26
C VAL B 48 -18.62 38.48 10.09
N PRO B 49 -18.88 39.79 10.34
CA PRO B 49 -19.31 40.72 9.30
C PRO B 49 -18.16 41.08 8.35
N GLY B 50 -18.42 40.99 7.05
CA GLY B 50 -17.43 41.30 6.03
C GLY B 50 -16.69 40.08 5.51
N LEU B 51 -16.43 39.12 6.40
CA LEU B 51 -15.72 37.90 6.05
C LEU B 51 -16.59 36.98 5.19
N ARG B 52 -16.08 36.64 4.01
CA ARG B 52 -16.80 35.80 3.06
C ARG B 52 -16.36 34.35 3.20
N VAL B 53 -17.33 33.47 3.45
CA VAL B 53 -17.06 32.04 3.67
C VAL B 53 -17.80 31.16 2.65
N GLU B 54 -17.31 29.94 2.46
CA GLU B 54 -17.96 28.97 1.60
C GLU B 54 -18.86 28.05 2.40
N ILE B 55 -20.17 28.27 2.27
CA ILE B 55 -21.19 27.45 2.92
C ILE B 55 -21.20 26.05 2.29
N GLY B 56 -21.13 26.00 0.96
CA GLY B 56 -20.99 24.75 0.24
C GLY B 56 -19.58 24.22 0.31
N GLY B 57 -18.84 24.34 -0.79
CA GLY B 57 -17.46 23.88 -0.86
C GLY B 57 -16.63 24.58 -1.92
N ALA B 58 -15.33 24.70 -1.65
CA ALA B 58 -14.40 25.34 -2.57
C ALA B 58 -13.14 24.49 -2.81
N TYR B 59 -12.97 23.46 -1.99
CA TYR B 59 -11.78 22.61 -2.06
C TYR B 59 -11.68 21.85 -3.39
N LEU B 60 -10.75 22.28 -4.23
CA LEU B 60 -10.51 21.63 -5.52
C LEU B 60 -9.05 21.21 -5.71
N HIS B 61 -8.80 20.43 -6.75
CA HIS B 61 -7.46 19.98 -7.10
C HIS B 61 -7.30 20.07 -8.62
N ARG B 62 -6.28 20.81 -9.07
CA ARG B 62 -6.03 21.00 -10.50
C ARG B 62 -5.63 19.71 -11.23
N LYS B 63 -5.02 18.79 -10.48
CA LYS B 63 -4.60 17.51 -11.05
C LYS B 63 -5.77 16.52 -11.14
N HIS B 64 -6.54 16.42 -10.06
CA HIS B 64 -7.69 15.50 -10.02
C HIS B 64 -8.87 16.01 -10.84
N HIS B 65 -9.05 17.33 -10.87
CA HIS B 65 -10.15 17.95 -11.61
C HIS B 65 -9.61 18.92 -12.67
N PRO B 66 -9.31 18.40 -13.88
CA PRO B 66 -8.75 19.23 -14.95
C PRO B 66 -9.77 20.15 -15.63
N ARG B 67 -11.06 19.80 -15.58
CA ARG B 67 -12.11 20.59 -16.21
C ARG B 67 -12.52 21.82 -15.40
N LEU B 68 -12.36 21.72 -14.08
CA LEU B 68 -12.65 22.84 -13.18
C LEU B 68 -11.58 23.93 -13.32
N ALA B 69 -10.34 23.50 -13.59
CA ALA B 69 -9.23 24.41 -13.86
C ALA B 69 -9.34 25.04 -15.25
N ALA B 70 -10.01 24.33 -16.17
CA ALA B 70 -10.24 24.80 -17.54
C ALA B 70 -11.15 26.02 -17.57
N GLU B 71 -12.07 26.10 -16.61
CA GLU B 71 -12.97 27.26 -16.46
C GLU B 71 -12.26 28.40 -15.76
N LEU B 72 -11.35 28.06 -14.84
CA LEU B 72 -10.57 29.04 -14.09
C LEU B 72 -9.50 29.71 -14.97
N ASP B 73 -9.06 28.99 -16.00
CA ASP B 73 -8.13 29.52 -16.99
C ASP B 73 -8.89 30.24 -18.11
N ARG B 74 -10.17 29.95 -18.24
CA ARG B 74 -11.03 30.57 -19.25
C ARG B 74 -11.40 32.00 -18.87
N TYR B 75 -11.97 32.18 -17.68
CA TYR B 75 -12.40 33.49 -17.21
C TYR B 75 -11.30 34.24 -16.47
N GLY B 76 -10.24 33.51 -16.10
CA GLY B 76 -9.09 34.10 -15.42
C GLY B 76 -9.27 34.25 -13.92
N ILE B 77 -10.17 33.46 -13.34
CA ILE B 77 -10.45 33.50 -11.91
C ILE B 77 -9.39 32.70 -11.15
N PRO B 78 -8.68 33.38 -10.21
CA PRO B 78 -7.56 32.77 -9.49
C PRO B 78 -7.98 31.90 -8.31
N THR B 79 -7.10 30.97 -7.94
CA THR B 79 -7.31 30.08 -6.79
C THR B 79 -6.05 29.97 -5.94
N ALA B 80 -6.24 30.00 -4.62
CA ALA B 80 -5.13 29.92 -3.67
C ALA B 80 -4.92 28.49 -3.14
N ALA B 81 -3.71 28.22 -2.65
CA ALA B 81 -3.34 26.89 -2.16
C ALA B 81 -4.07 26.49 -0.86
N ALA B 82 -3.87 25.24 -0.46
CA ALA B 82 -4.52 24.67 0.73
C ALA B 82 -4.08 25.32 2.04
N SER B 83 -4.99 25.32 3.01
CA SER B 83 -4.67 25.75 4.37
C SER B 83 -3.91 24.62 5.07
N GLU B 84 -2.60 24.64 4.90
CA GLU B 84 -1.76 23.61 5.48
C GLU B 84 -2.08 23.46 6.95
N PHE B 85 -1.83 22.27 7.48
CA PHE B 85 -2.03 21.98 8.90
C PHE B 85 -0.72 21.74 9.63
N THR B 86 -0.59 22.34 10.81
CA THR B 86 0.62 22.22 11.64
C THR B 86 0.30 21.64 13.03
N SER B 87 -0.82 22.07 13.61
CA SER B 87 -1.27 21.58 14.91
C SER B 87 -2.18 20.37 14.74
N PHE B 88 -1.99 19.36 15.59
CA PHE B 88 -2.75 18.12 15.50
C PHE B 88 -3.25 17.66 16.88
N ARG B 89 -4.57 17.52 16.99
CA ARG B 89 -5.22 17.07 18.23
C ARG B 89 -6.16 15.90 17.94
N HIS B 90 -5.61 14.70 17.87
CA HIS B 90 -6.38 13.51 17.49
C HIS B 90 -6.92 12.74 18.68
N ARG B 91 -8.04 12.06 18.47
CA ARG B 91 -8.66 11.22 19.50
C ARG B 91 -8.77 9.77 19.00
N LEU B 92 -7.65 9.24 18.50
CA LEU B 92 -7.61 7.88 17.96
C LEU B 92 -6.91 6.91 18.91
N GLY B 93 -6.88 7.27 20.19
CA GLY B 93 -6.25 6.44 21.22
C GLY B 93 -4.86 6.92 21.62
N PRO B 94 -4.35 6.40 22.76
CA PRO B 94 -3.00 6.74 23.24
C PRO B 94 -1.89 6.15 22.37
N THR B 95 -2.22 5.11 21.61
CA THR B 95 -1.29 4.47 20.68
C THR B 95 -1.04 5.33 19.43
N ALA B 96 -1.98 6.25 19.15
CA ALA B 96 -1.86 7.16 18.01
C ALA B 96 -0.83 8.27 18.26
N VAL B 97 -0.32 8.85 17.18
CA VAL B 97 0.62 9.96 17.25
C VAL B 97 -0.01 11.25 16.72
N ASP B 98 0.25 12.37 17.39
CA ASP B 98 -0.33 13.67 17.00
C ASP B 98 0.36 14.27 15.78
N GLN B 99 0.06 13.70 14.60
CA GLN B 99 0.60 14.17 13.33
C GLN B 99 -0.43 14.02 12.21
N ALA B 100 -0.05 14.41 10.99
CA ALA B 100 -0.92 14.30 9.81
C ALA B 100 -1.30 12.85 9.50
N PHE B 101 -0.34 11.95 9.71
CA PHE B 101 -0.58 10.52 9.58
C PHE B 101 -0.46 9.90 10.99
N PRO B 102 -1.61 9.80 11.71
CA PRO B 102 -1.62 9.45 13.12
C PRO B 102 -1.42 7.96 13.42
N ILE B 103 -1.30 7.15 12.37
CA ILE B 103 -1.08 5.71 12.52
C ILE B 103 0.36 5.43 12.98
N PRO B 104 0.50 4.73 14.14
CA PRO B 104 1.81 4.40 14.69
C PRO B 104 2.56 3.33 13.89
N GLY B 105 3.83 3.13 14.23
CA GLY B 105 4.69 2.15 13.56
C GLY B 105 4.36 0.70 13.91
N SER B 106 3.59 0.51 14.98
CA SER B 106 3.15 -0.82 15.40
C SER B 106 2.05 -1.36 14.48
N GLU B 107 1.41 -0.46 13.75
CA GLU B 107 0.32 -0.81 12.83
C GLU B 107 0.75 -0.72 11.37
N ALA B 108 2.04 -0.44 11.15
CA ALA B 108 2.60 -0.24 9.81
C ALA B 108 2.42 -1.46 8.89
N VAL B 109 2.54 -2.65 9.46
CA VAL B 109 2.34 -3.90 8.72
C VAL B 109 0.85 -4.14 8.48
N ALA B 110 0.02 -3.72 9.42
CA ALA B 110 -1.43 -3.88 9.35
C ALA B 110 -2.08 -2.97 8.32
N VAL B 111 -1.56 -1.74 8.20
CA VAL B 111 -2.00 -0.80 7.17
C VAL B 111 -1.64 -1.33 5.79
N GLU B 112 -0.41 -1.83 5.67
CA GLU B 112 0.13 -2.42 4.44
C GLU B 112 -0.77 -3.49 3.84
N ALA B 113 -1.31 -4.37 4.70
CA ALA B 113 -2.22 -5.43 4.27
C ALA B 113 -3.62 -4.91 3.95
N ALA B 114 -4.08 -3.95 4.74
CA ALA B 114 -5.41 -3.35 4.57
C ALA B 114 -5.46 -2.41 3.36
N THR B 115 -4.34 -1.76 3.07
CA THR B 115 -4.20 -0.89 1.91
C THR B 115 -4.41 -1.68 0.61
N TYR B 116 -3.83 -2.88 0.55
CA TYR B 116 -3.95 -3.75 -0.61
C TYR B 116 -5.38 -4.20 -0.88
N THR B 117 -6.07 -4.63 0.18
CA THR B 117 -7.46 -5.11 0.08
C THR B 117 -8.39 -3.96 -0.34
N LEU B 118 -8.09 -2.75 0.15
CA LEU B 118 -8.89 -1.57 -0.18
C LEU B 118 -8.63 -1.12 -1.61
N LEU B 119 -7.37 -1.17 -2.04
CA LEU B 119 -6.98 -0.78 -3.40
C LEU B 119 -7.40 -1.82 -4.45
N ARG B 120 -7.28 -3.11 -4.10
CA ARG B 120 -7.65 -4.20 -5.01
C ARG B 120 -9.14 -4.17 -5.34
N ASP B 121 -9.97 -3.94 -4.32
CA ASP B 121 -11.42 -3.83 -4.50
C ASP B 121 -11.80 -2.55 -5.21
N ALA B 122 -11.01 -1.50 -5.02
CA ALA B 122 -11.20 -0.22 -5.72
C ALA B 122 -10.84 -0.35 -7.21
N HIS B 123 -9.77 -1.07 -7.49
CA HIS B 123 -9.33 -1.34 -8.87
C HIS B 123 -10.30 -2.24 -9.63
N ARG B 124 -11.18 -2.92 -8.89
CA ARG B 124 -12.20 -3.77 -9.48
C ARG B 124 -13.34 -2.95 -10.10
N ILE B 125 -13.42 -1.67 -9.71
CA ILE B 125 -14.41 -0.75 -10.28
C ILE B 125 -13.86 -0.05 -11.53
N ASP B 126 -14.55 -0.26 -12.65
CA ASP B 126 -14.31 0.51 -13.88
C ASP B 126 -15.26 1.70 -13.89
N LEU B 127 -14.69 2.90 -13.94
CA LEU B 127 -15.45 4.14 -13.83
C LEU B 127 -16.47 4.34 -14.95
N GLU B 128 -16.11 3.94 -16.17
CA GLU B 128 -16.94 4.15 -17.36
C GLU B 128 -18.15 3.22 -17.45
N LYS B 129 -18.05 2.05 -16.82
CA LYS B 129 -19.10 1.04 -16.89
C LYS B 129 -20.34 1.39 -16.05
N GLY B 130 -20.13 1.73 -14.79
CA GLY B 130 -21.23 1.99 -13.86
C GLY B 130 -21.34 0.89 -12.82
N LEU B 131 -21.66 1.27 -11.59
CA LEU B 131 -21.67 0.35 -10.44
C LEU B 131 -22.76 -0.73 -10.50
N GLU B 132 -23.73 -0.56 -11.39
CA GLU B 132 -24.84 -1.52 -11.49
C GLU B 132 -24.54 -2.75 -12.34
N ASN B 133 -23.56 -2.62 -13.25
CA ASN B 133 -23.25 -3.69 -14.20
C ASN B 133 -21.76 -4.06 -14.24
N GLN B 134 -21.20 -4.37 -13.07
CA GLN B 134 -19.80 -4.77 -12.96
C GLN B 134 -19.61 -5.97 -12.03
N ASP B 135 -20.72 -6.47 -11.49
CA ASP B 135 -20.72 -7.55 -10.49
C ASP B 135 -19.97 -7.16 -9.22
N LEU B 136 -20.49 -6.15 -8.53
CA LEU B 136 -19.89 -5.62 -7.31
C LEU B 136 -20.90 -5.66 -6.15
N GLU B 137 -21.81 -6.62 -6.20
CA GLU B 137 -22.88 -6.77 -5.21
C GLU B 137 -22.34 -7.15 -3.83
N ASP B 138 -21.23 -7.89 -3.82
CA ASP B 138 -20.57 -8.29 -2.58
C ASP B 138 -19.89 -7.11 -1.89
N LEU B 139 -19.60 -6.06 -2.66
CA LEU B 139 -18.99 -4.84 -2.13
C LEU B 139 -20.03 -3.82 -1.66
N ASP B 140 -21.25 -3.95 -2.17
CA ASP B 140 -22.35 -3.05 -1.77
C ASP B 140 -23.02 -3.55 -0.49
N ILE B 141 -22.27 -3.46 0.61
CA ILE B 141 -22.76 -3.83 1.94
C ILE B 141 -22.36 -2.73 2.94
N PRO B 142 -23.07 -2.66 4.09
CA PRO B 142 -22.77 -1.62 5.09
C PRO B 142 -21.28 -1.52 5.43
N LEU B 143 -20.78 -0.29 5.51
CA LEU B 143 -19.36 0.00 5.68
C LEU B 143 -18.75 -0.62 6.94
N ASN B 144 -19.51 -0.61 8.03
CA ASN B 144 -19.07 -1.19 9.31
C ASN B 144 -18.74 -2.68 9.22
N GLU B 145 -19.44 -3.39 8.34
CA GLU B 145 -19.20 -4.81 8.10
C GLU B 145 -17.98 -5.04 7.21
N TYR B 146 -17.73 -4.10 6.30
CA TYR B 146 -16.58 -4.16 5.39
C TYR B 146 -15.27 -3.92 6.15
N VAL B 147 -15.25 -2.86 6.96
CA VAL B 147 -14.08 -2.50 7.77
C VAL B 147 -13.71 -3.62 8.75
N ASP B 148 -14.73 -4.34 9.24
CA ASP B 148 -14.53 -5.50 10.10
C ASP B 148 -13.91 -6.70 9.38
N LYS B 149 -14.15 -6.80 8.07
CA LYS B 149 -13.60 -7.86 7.24
C LYS B 149 -12.08 -7.75 7.09
N LEU B 150 -11.59 -6.52 7.01
CA LEU B 150 -10.14 -6.26 6.93
C LEU B 150 -9.46 -6.48 8.28
N ASP B 151 -10.23 -6.30 9.35
CA ASP B 151 -9.75 -6.43 10.74
C ASP B 151 -8.57 -5.49 11.04
N LEU B 152 -8.91 -4.25 11.40
CA LEU B 152 -7.92 -3.19 11.58
C LEU B 152 -7.66 -2.86 13.05
N PRO B 153 -6.39 -2.54 13.38
CA PRO B 153 -5.98 -2.07 14.71
C PRO B 153 -6.60 -0.71 15.06
N PRO B 154 -6.79 -0.44 16.37
CA PRO B 154 -7.49 0.75 16.91
C PRO B 154 -7.35 2.06 16.12
N VAL B 155 -6.12 2.46 15.80
CA VAL B 155 -5.88 3.74 15.13
C VAL B 155 -6.24 3.68 13.64
N SER B 156 -5.65 2.71 12.93
CA SER B 156 -5.85 2.55 11.49
C SER B 156 -7.32 2.36 11.12
N ARG B 157 -8.08 1.76 12.04
CA ARG B 157 -9.50 1.53 11.87
C ARG B 157 -10.30 2.84 12.01
N GLN B 158 -10.11 3.51 13.14
CA GLN B 158 -10.87 4.71 13.48
C GLN B 158 -10.48 5.93 12.64
N PHE B 159 -9.22 5.98 12.19
CA PHE B 159 -8.75 7.02 11.29
C PHE B 159 -9.42 6.90 9.92
N LEU B 160 -9.63 5.66 9.48
CA LEU B 160 -10.32 5.39 8.22
C LEU B 160 -11.83 5.58 8.36
N LEU B 161 -12.38 5.22 9.52
CA LEU B 161 -13.80 5.35 9.80
C LEU B 161 -14.25 6.80 9.98
N ALA B 162 -13.36 7.64 10.50
CA ALA B 162 -13.66 9.06 10.73
C ALA B 162 -13.70 9.86 9.43
N TRP B 163 -12.70 9.65 8.57
CA TRP B 163 -12.64 10.32 7.28
C TRP B 163 -13.73 9.83 6.31
N ALA B 164 -14.17 8.59 6.50
CA ALA B 164 -15.28 8.03 5.71
C ALA B 164 -16.61 8.67 6.09
N TRP B 165 -16.77 8.98 7.38
CA TRP B 165 -17.93 9.71 7.88
C TRP B 165 -17.96 11.12 7.29
N ASN B 166 -16.80 11.73 7.14
CA ASN B 166 -16.76 13.02 6.52
C ASN B 166 -17.09 12.91 5.05
N MET B 167 -16.30 12.13 4.32
CA MET B 167 -16.36 12.14 2.86
C MET B 167 -17.69 11.66 2.28
N LEU B 168 -18.40 10.80 3.02
CA LEU B 168 -19.69 10.28 2.57
C LEU B 168 -20.87 11.03 3.18
N GLY B 169 -20.70 11.50 4.41
CA GLY B 169 -21.78 12.16 5.15
C GLY B 169 -22.80 11.16 5.67
N GLN B 170 -22.30 9.96 5.98
CA GLN B 170 -23.13 8.87 6.51
C GLN B 170 -22.35 8.15 7.60
N PRO B 171 -23.05 7.67 8.64
CA PRO B 171 -22.40 6.81 9.64
C PRO B 171 -22.05 5.45 9.05
N ALA B 172 -21.12 4.75 9.68
CA ALA B 172 -20.59 3.47 9.18
C ALA B 172 -21.67 2.41 8.90
N ASP B 173 -22.71 2.38 9.73
CA ASP B 173 -23.80 1.41 9.59
C ASP B 173 -24.78 1.75 8.46
N GLN B 174 -24.72 2.99 7.98
CA GLN B 174 -25.60 3.46 6.90
C GLN B 174 -24.86 3.59 5.57
N ALA B 175 -23.56 3.88 5.64
CA ALA B 175 -22.73 4.06 4.46
C ALA B 175 -22.44 2.75 3.74
N SER B 176 -22.37 2.81 2.41
CA SER B 176 -22.07 1.64 1.59
C SER B 176 -20.57 1.55 1.30
N ALA B 177 -20.03 0.33 1.38
CA ALA B 177 -18.61 0.09 1.15
C ALA B 177 -18.23 0.27 -0.31
N LEU B 178 -19.16 -0.05 -1.21
CA LEU B 178 -18.97 0.12 -2.65
C LEU B 178 -18.75 1.59 -3.02
N TRP B 179 -19.48 2.48 -2.34
CA TRP B 179 -19.37 3.91 -2.58
C TRP B 179 -18.09 4.49 -1.99
N MET B 180 -17.62 3.89 -0.89
CA MET B 180 -16.33 4.27 -0.29
C MET B 180 -15.19 3.90 -1.23
N LEU B 181 -15.34 2.75 -1.91
CA LEU B 181 -14.37 2.30 -2.90
C LEU B 181 -14.47 3.10 -4.21
N GLN B 182 -15.67 3.63 -4.48
CA GLN B 182 -15.92 4.46 -5.66
C GLN B 182 -15.14 5.78 -5.57
N LEU B 183 -15.14 6.40 -4.39
CA LEU B 183 -14.38 7.62 -4.15
C LEU B 183 -12.89 7.39 -4.35
N VAL B 184 -12.39 6.26 -3.87
CA VAL B 184 -11.00 5.85 -4.10
C VAL B 184 -10.74 5.67 -5.59
N ALA B 185 -11.66 4.97 -6.27
CA ALA B 185 -11.56 4.73 -7.71
C ALA B 185 -11.62 6.02 -8.55
N ALA B 186 -12.40 6.99 -8.09
CA ALA B 186 -12.50 8.29 -8.77
C ALA B 186 -11.26 9.14 -8.54
N HIS B 187 -10.64 8.99 -7.37
CA HIS B 187 -9.42 9.72 -7.02
C HIS B 187 -8.16 9.00 -7.49
N HIS B 188 -8.19 8.46 -8.69
CA HIS B 188 -7.02 7.80 -9.26
C HIS B 188 -6.54 6.61 -8.46
N TYR B 189 -7.49 5.85 -7.93
CA TYR B 189 -7.20 4.67 -7.10
C TYR B 189 -6.20 4.97 -5.98
N SER B 190 -6.62 5.82 -5.04
CA SER B 190 -5.79 6.26 -3.93
C SER B 190 -6.63 6.59 -2.71
N ILE B 191 -6.26 6.05 -1.56
CA ILE B 191 -6.92 6.34 -0.30
C ILE B 191 -6.48 7.72 0.22
N LEU B 192 -5.19 8.00 0.08
CA LEU B 192 -4.61 9.29 0.47
C LEU B 192 -5.05 10.40 -0.49
N GLY B 193 -5.33 10.02 -1.73
CA GLY B 193 -5.79 10.96 -2.76
C GLY B 193 -7.18 11.52 -2.51
N VAL B 194 -7.94 10.85 -1.65
CA VAL B 194 -9.27 11.33 -1.24
C VAL B 194 -9.13 12.52 -0.29
N VAL B 195 -8.19 12.42 0.65
CA VAL B 195 -7.93 13.47 1.63
C VAL B 195 -7.06 14.58 1.02
N LEU B 196 -6.01 14.19 0.31
CA LEU B 196 -5.10 15.14 -0.34
C LEU B 196 -5.66 15.67 -1.66
N SER B 197 -6.94 15.98 -1.67
CA SER B 197 -7.55 16.64 -2.82
C SER B 197 -8.24 17.93 -2.42
N LEU B 198 -8.21 18.24 -1.13
CA LEU B 198 -8.23 19.62 -0.66
C LEU B 198 -6.93 20.34 -1.02
N ASP B 199 -6.84 20.81 -2.26
CA ASP B 199 -5.57 21.27 -2.82
C ASP B 199 -5.54 22.80 -2.92
N GLU B 200 -6.14 23.32 -4.00
CA GLU B 200 -6.41 24.75 -4.10
C GLU B 200 -7.87 25.06 -3.77
N VAL B 201 -8.16 26.34 -3.57
CA VAL B 201 -9.52 26.76 -3.27
C VAL B 201 -9.82 28.11 -3.93
N PHE B 202 -11.11 28.43 -4.06
CA PHE B 202 -11.54 29.67 -4.68
C PHE B 202 -11.15 30.87 -3.80
N SER B 203 -10.39 31.79 -4.38
CA SER B 203 -9.91 32.97 -3.67
C SER B 203 -11.03 33.95 -3.32
N ASN B 204 -12.04 34.01 -4.18
CA ASN B 204 -13.18 34.89 -3.98
C ASN B 204 -14.50 34.13 -3.83
N GLY B 205 -14.40 32.83 -3.58
CA GLY B 205 -15.57 31.96 -3.47
C GLY B 205 -16.02 31.45 -4.82
N SER B 206 -17.03 30.57 -4.80
CA SER B 206 -17.58 29.99 -6.02
C SER B 206 -18.37 31.00 -6.84
N ALA B 207 -18.84 32.05 -6.18
CA ALA B 207 -19.63 33.12 -6.81
C ALA B 207 -18.91 33.79 -7.99
N ASP B 208 -17.59 33.84 -7.93
CA ASP B 208 -16.77 34.36 -9.03
C ASP B 208 -16.97 33.55 -10.31
N LEU B 209 -16.86 32.22 -10.19
CA LEU B 209 -17.02 31.32 -11.34
C LEU B 209 -18.48 31.13 -11.73
N VAL B 210 -19.38 31.31 -10.77
CA VAL B 210 -20.82 31.20 -11.01
C VAL B 210 -21.33 32.40 -11.84
N ASP B 211 -20.99 33.61 -11.39
CA ASP B 211 -21.44 34.83 -12.06
C ASP B 211 -20.78 35.09 -13.41
N ALA B 212 -19.57 34.55 -13.59
CA ALA B 212 -18.86 34.65 -14.86
C ALA B 212 -19.49 33.77 -15.93
N MET B 213 -19.97 32.60 -15.52
CA MET B 213 -20.62 31.65 -16.43
C MET B 213 -22.04 32.07 -16.78
N SER B 214 -22.73 32.68 -15.82
CA SER B 214 -24.13 33.09 -15.99
C SER B 214 -24.29 34.29 -16.92
N GLN B 215 -23.27 35.15 -16.96
CA GLN B 215 -23.30 36.35 -17.79
C GLN B 215 -23.13 36.06 -19.28
N GLU B 216 -22.77 34.81 -19.61
CA GLU B 216 -22.71 34.37 -21.00
C GLU B 216 -24.02 33.70 -21.45
N ILE B 217 -24.91 33.47 -20.49
CA ILE B 217 -26.24 32.93 -20.76
C ILE B 217 -27.26 34.07 -20.83
N PRO B 218 -27.91 34.24 -21.99
CA PRO B 218 -28.88 35.32 -22.21
C PRO B 218 -30.18 35.13 -21.43
N GLU B 219 -30.87 34.03 -21.67
CA GLU B 219 -32.19 33.86 -21.09
C GLU B 219 -32.20 33.04 -19.82
N ILE B 220 -32.35 33.73 -18.70
CA ILE B 220 -32.33 33.13 -17.37
C ILE B 220 -33.58 33.56 -16.59
N ARG B 221 -34.24 32.59 -15.97
CA ARG B 221 -35.42 32.85 -15.13
C ARG B 221 -35.17 32.42 -13.69
N LEU B 222 -35.27 33.38 -12.78
CA LEU B 222 -35.08 33.12 -11.35
C LEU B 222 -36.43 32.90 -10.65
N GLN B 223 -36.40 32.14 -9.56
CA GLN B 223 -37.60 31.77 -8.79
C GLN B 223 -38.68 31.07 -9.62
N THR B 224 -38.25 30.08 -10.40
CA THR B 224 -39.14 29.30 -11.25
C THR B 224 -38.96 27.80 -11.01
N VAL B 225 -39.70 27.26 -10.03
CA VAL B 225 -39.63 25.84 -9.69
C VAL B 225 -40.45 25.01 -10.68
N VAL B 226 -39.75 24.16 -11.43
CA VAL B 226 -40.37 23.29 -12.42
C VAL B 226 -41.12 22.14 -11.74
N THR B 227 -42.39 21.97 -12.11
CA THR B 227 -43.26 20.97 -11.50
C THR B 227 -43.39 19.69 -12.34
N GLY B 228 -43.03 19.77 -13.63
CA GLY B 228 -43.12 18.62 -14.51
C GLY B 228 -42.59 18.80 -15.92
N ILE B 229 -42.20 17.69 -16.54
CA ILE B 229 -41.72 17.66 -17.92
C ILE B 229 -42.61 16.74 -18.77
N ASP B 230 -43.00 17.22 -19.94
CA ASP B 230 -43.87 16.46 -20.86
C ASP B 230 -43.26 16.38 -22.26
N GLN B 231 -42.80 15.21 -22.64
CA GLN B 231 -42.17 14.98 -23.94
C GLN B 231 -43.04 14.17 -24.91
N SER B 232 -44.35 14.12 -24.63
CA SER B 232 -45.30 13.31 -25.39
C SER B 232 -45.59 13.86 -26.78
N GLY B 233 -45.69 15.19 -26.90
CA GLY B 233 -46.01 15.84 -28.17
C GLY B 233 -44.84 15.93 -29.13
N ASP B 234 -44.98 16.80 -30.13
CA ASP B 234 -43.94 17.05 -31.11
C ASP B 234 -42.76 17.80 -30.47
N VAL B 235 -43.07 18.66 -29.51
CA VAL B 235 -42.07 19.43 -28.78
C VAL B 235 -42.24 19.20 -27.27
N VAL B 236 -41.15 19.32 -26.51
CA VAL B 236 -41.19 19.01 -25.08
C VAL B 236 -41.67 20.21 -24.26
N ASN B 237 -42.67 19.96 -23.41
CA ASN B 237 -43.30 20.97 -22.57
C ASN B 237 -42.76 20.95 -21.14
N VAL B 238 -42.36 22.13 -20.65
CA VAL B 238 -41.83 22.28 -19.30
C VAL B 238 -42.77 23.13 -18.45
N THR B 239 -43.42 22.50 -17.48
CA THR B 239 -44.38 23.18 -16.59
C THR B 239 -43.72 23.70 -15.32
N VAL B 240 -44.05 24.94 -14.98
CA VAL B 240 -43.52 25.60 -13.78
C VAL B 240 -44.64 25.72 -12.74
N LYS B 241 -44.29 26.06 -11.50
CA LYS B 241 -45.28 26.31 -10.45
C LYS B 241 -45.95 27.67 -10.64
N ASP B 242 -45.28 28.55 -11.35
CA ASP B 242 -45.71 29.91 -11.64
C ASP B 242 -45.09 30.43 -12.93
N GLY B 243 -45.92 30.82 -13.88
CA GLY B 243 -45.45 31.23 -15.21
C GLY B 243 -45.49 30.09 -16.21
N HIS B 244 -46.18 29.00 -15.83
CA HIS B 244 -46.38 27.83 -16.69
C HIS B 244 -47.09 28.19 -17.99
N ALA B 245 -46.62 27.68 -19.14
CA ALA B 245 -45.47 26.78 -19.22
C ALA B 245 -44.49 27.19 -20.33
N PHE B 246 -43.51 26.33 -20.62
CA PHE B 246 -42.49 26.60 -21.65
C PHE B 246 -42.31 25.43 -22.62
N GLN B 247 -41.69 25.69 -23.77
CA GLN B 247 -41.51 24.69 -24.80
C GLN B 247 -40.13 24.70 -25.44
N ALA B 248 -39.58 23.51 -25.67
CA ALA B 248 -38.25 23.33 -26.29
C ALA B 248 -38.10 21.95 -26.91
N HIS B 249 -37.22 21.83 -27.90
CA HIS B 249 -36.93 20.56 -28.55
C HIS B 249 -36.29 19.56 -27.58
N SER B 250 -35.20 19.99 -26.94
CA SER B 250 -34.49 19.18 -25.96
C SER B 250 -34.65 19.77 -24.56
N VAL B 251 -34.53 18.92 -23.53
CA VAL B 251 -34.64 19.35 -22.14
C VAL B 251 -33.54 18.75 -21.29
N ILE B 252 -32.85 19.61 -20.54
CA ILE B 252 -31.80 19.18 -19.61
C ILE B 252 -32.25 19.42 -18.17
N VAL B 253 -32.13 18.39 -17.34
CA VAL B 253 -32.44 18.50 -15.92
C VAL B 253 -31.16 18.43 -15.10
N ALA B 254 -30.78 19.57 -14.51
CA ALA B 254 -29.55 19.69 -13.73
C ALA B 254 -29.84 19.78 -12.23
N THR B 255 -31.11 19.65 -11.87
CA THR B 255 -31.55 19.70 -10.47
C THR B 255 -30.99 18.51 -9.68
N PRO B 256 -30.84 18.67 -8.34
CA PRO B 256 -30.33 17.58 -7.51
C PRO B 256 -31.14 16.28 -7.65
N MET B 257 -30.47 15.14 -7.45
CA MET B 257 -31.08 13.82 -7.62
C MET B 257 -32.36 13.64 -6.80
N ASN B 258 -32.32 14.08 -5.54
CA ASN B 258 -33.42 13.89 -4.60
C ASN B 258 -34.62 14.82 -4.84
N THR B 259 -34.51 15.71 -5.82
CA THR B 259 -35.60 16.61 -6.19
C THR B 259 -36.41 16.08 -7.38
N TRP B 260 -35.86 15.06 -8.06
CA TRP B 260 -36.49 14.48 -9.24
C TRP B 260 -37.83 13.77 -8.95
N ARG B 261 -38.10 13.53 -7.66
CA ARG B 261 -39.37 12.94 -7.22
C ARG B 261 -40.52 13.92 -7.44
N ARG B 262 -40.23 15.21 -7.22
CA ARG B 262 -41.23 16.27 -7.27
C ARG B 262 -41.62 16.62 -8.70
N ILE B 263 -40.67 16.50 -9.63
CA ILE B 263 -40.92 16.73 -11.05
C ILE B 263 -41.62 15.53 -11.67
N VAL B 264 -42.81 15.76 -12.23
CA VAL B 264 -43.60 14.70 -12.85
C VAL B 264 -43.23 14.54 -14.32
N PHE B 265 -42.85 13.34 -14.71
CA PHE B 265 -42.41 13.05 -16.07
C PHE B 265 -43.51 12.36 -16.88
N THR B 266 -43.70 12.82 -18.12
CA THR B 266 -44.68 12.25 -19.03
C THR B 266 -44.08 12.04 -20.43
N PRO B 267 -43.89 10.76 -20.83
CA PRO B 267 -44.16 9.54 -20.06
C PRO B 267 -43.20 9.36 -18.88
N ALA B 268 -43.60 8.52 -17.92
CA ALA B 268 -42.82 8.28 -16.71
C ALA B 268 -41.43 7.70 -17.01
N LEU B 269 -40.47 8.04 -16.16
CA LEU B 269 -39.09 7.56 -16.27
C LEU B 269 -39.02 6.02 -16.25
N PRO B 270 -38.01 5.45 -16.95
CA PRO B 270 -37.82 3.99 -17.02
C PRO B 270 -37.91 3.29 -15.65
N GLU B 271 -38.44 2.07 -15.66
CA GLU B 271 -38.65 1.27 -14.46
C GLU B 271 -37.39 1.10 -13.62
N ARG B 272 -36.23 1.08 -14.29
CA ARG B 272 -34.93 0.94 -13.63
C ARG B 272 -34.66 2.09 -12.66
N ARG B 273 -35.07 3.30 -13.05
CA ARG B 273 -34.73 4.53 -12.34
C ARG B 273 -35.69 4.89 -11.20
N ARG B 274 -36.95 4.48 -11.33
CA ARG B 274 -38.02 4.87 -10.39
C ARG B 274 -37.78 4.39 -8.96
N SER B 275 -37.03 3.29 -8.82
CA SER B 275 -36.76 2.68 -7.52
C SER B 275 -35.90 3.57 -6.61
N VAL B 276 -34.80 4.08 -7.16
CA VAL B 276 -33.87 4.91 -6.40
C VAL B 276 -34.35 6.37 -6.31
N ILE B 277 -34.79 6.92 -7.43
CA ILE B 277 -35.21 8.33 -7.52
C ILE B 277 -36.28 8.72 -6.51
N GLU B 278 -37.25 7.84 -6.30
CA GLU B 278 -38.40 8.13 -5.45
C GLU B 278 -38.12 8.02 -3.96
N GLU B 279 -36.95 7.51 -3.61
CA GLU B 279 -36.44 7.51 -2.24
C GLU B 279 -35.18 8.35 -2.07
N GLY B 280 -34.42 8.51 -3.15
CA GLY B 280 -33.19 9.30 -3.16
C GLY B 280 -32.01 8.63 -2.49
N HIS B 281 -30.84 9.25 -2.60
CA HIS B 281 -29.63 8.76 -1.94
C HIS B 281 -29.67 9.08 -0.45
N GLY B 282 -28.92 8.33 0.34
CA GLY B 282 -28.92 8.48 1.80
C GLY B 282 -27.87 9.43 2.35
N GLY B 283 -27.38 10.32 1.49
CA GLY B 283 -26.37 11.32 1.87
C GLY B 283 -26.93 12.38 2.80
N GLN B 284 -26.25 12.58 3.93
CA GLN B 284 -26.73 13.49 4.97
C GLN B 284 -25.65 14.46 5.44
N GLY B 285 -24.56 14.55 4.67
CA GLY B 285 -23.40 15.39 4.99
C GLY B 285 -23.72 16.77 5.53
N LEU B 286 -23.17 17.08 6.70
CA LEU B 286 -23.42 18.35 7.38
C LEU B 286 -22.12 19.10 7.66
N LYS B 287 -21.92 20.19 6.94
CA LYS B 287 -20.75 21.05 7.13
C LYS B 287 -21.13 22.23 8.02
N ILE B 288 -20.43 22.35 9.15
CA ILE B 288 -20.71 23.39 10.13
C ILE B 288 -19.49 24.28 10.34
N LEU B 289 -19.65 25.57 10.07
CA LEU B 289 -18.61 26.57 10.32
C LEU B 289 -18.78 27.14 11.72
N ILE B 290 -17.79 26.89 12.58
CA ILE B 290 -17.88 27.28 13.98
C ILE B 290 -16.92 28.44 14.32
N HIS B 291 -17.51 29.54 14.78
CA HIS B 291 -16.75 30.73 15.19
C HIS B 291 -16.22 30.53 16.60
N VAL B 292 -14.90 30.58 16.73
CA VAL B 292 -14.22 30.27 17.99
C VAL B 292 -13.15 31.29 18.37
N ARG B 293 -12.68 31.22 19.62
CA ARG B 293 -11.56 32.01 20.09
C ARG B 293 -10.65 31.18 21.00
N GLY B 294 -9.36 31.50 21.00
CA GLY B 294 -8.36 30.73 21.74
C GLY B 294 -7.98 29.46 21.02
N ALA B 295 -8.20 29.44 19.70
CA ALA B 295 -7.88 28.29 18.86
C ALA B 295 -6.54 28.48 18.17
N GLU B 296 -5.79 27.39 18.03
CA GLU B 296 -4.46 27.40 17.42
C GLU B 296 -4.51 27.69 15.93
N ALA B 297 -3.38 28.12 15.36
CA ALA B 297 -3.28 28.42 13.95
C ALA B 297 -2.95 27.17 13.13
N GLY B 298 -3.98 26.55 12.57
CA GLY B 298 -3.83 25.36 11.74
C GLY B 298 -4.03 24.06 12.50
N ILE B 299 -5.19 23.90 13.11
CA ILE B 299 -5.53 22.70 13.87
C ILE B 299 -6.14 21.63 12.96
N GLU B 300 -5.90 20.36 13.28
CA GLU B 300 -6.57 19.24 12.63
C GLU B 300 -6.94 18.19 13.67
N CYS B 301 -8.23 17.89 13.76
CA CYS B 301 -8.74 16.95 14.75
C CYS B 301 -9.51 15.79 14.12
N VAL B 302 -8.94 14.60 14.22
CA VAL B 302 -9.58 13.38 13.72
C VAL B 302 -9.72 12.37 14.86
N GLY B 303 -10.95 11.97 15.15
CA GLY B 303 -11.22 11.06 16.27
C GLY B 303 -12.52 10.28 16.15
N ASP B 304 -12.97 9.75 17.28
CA ASP B 304 -14.17 8.92 17.33
C ASP B 304 -15.41 9.64 17.89
N GLY B 305 -15.40 10.97 17.80
CA GLY B 305 -16.51 11.79 18.30
C GLY B 305 -17.63 11.95 17.28
N ILE B 306 -18.62 12.77 17.64
CA ILE B 306 -19.74 13.09 16.75
C ILE B 306 -19.31 14.05 15.63
N PHE B 307 -18.17 14.71 15.83
CA PHE B 307 -17.47 15.41 14.77
C PHE B 307 -16.23 14.60 14.39
N PRO B 308 -16.36 13.69 13.40
CA PRO B 308 -15.21 12.87 12.97
C PRO B 308 -14.01 13.71 12.49
N THR B 309 -14.30 14.85 11.88
CA THR B 309 -13.25 15.78 11.45
C THR B 309 -13.56 17.22 11.87
N LEU B 310 -12.62 17.83 12.59
CA LEU B 310 -12.72 19.22 13.01
C LEU B 310 -11.38 19.92 12.81
N TYR B 311 -11.29 20.73 11.75
CA TYR B 311 -10.02 21.35 11.38
C TYR B 311 -10.14 22.85 11.06
N ASP B 312 -8.98 23.50 10.90
CA ASP B 312 -8.90 24.94 10.67
C ASP B 312 -9.47 25.35 9.32
N TYR B 313 -10.33 26.36 9.33
CA TYR B 313 -10.95 26.87 8.11
C TYR B 313 -10.25 28.13 7.62
N CYS B 314 -10.43 29.24 8.35
CA CYS B 314 -9.80 30.52 8.00
C CYS B 314 -9.56 31.39 9.23
N GLU B 315 -8.60 32.31 9.10
CA GLU B 315 -8.28 33.26 10.17
C GLU B 315 -9.29 34.40 10.18
N VAL B 316 -9.98 34.55 11.30
CA VAL B 316 -10.89 35.69 11.52
C VAL B 316 -10.07 36.89 11.97
N SER B 317 -9.30 36.70 13.04
CA SER B 317 -8.39 37.72 13.57
C SER B 317 -7.21 37.04 14.25
N GLU B 318 -6.40 37.83 14.96
CA GLU B 318 -5.26 37.30 15.71
C GLU B 318 -5.68 36.51 16.94
N SER B 319 -6.91 36.74 17.40
CA SER B 319 -7.47 36.03 18.54
C SER B 319 -8.63 35.11 18.14
N GLU B 320 -9.63 35.67 17.46
CA GLU B 320 -10.78 34.91 16.99
C GLU B 320 -10.46 34.13 15.72
N ARG B 321 -11.11 32.99 15.54
CA ARG B 321 -10.83 32.10 14.41
C ARG B 321 -12.08 31.34 13.94
N LEU B 322 -12.05 30.90 12.69
CA LEU B 322 -13.10 30.08 12.11
C LEU B 322 -12.66 28.63 11.94
N LEU B 323 -13.44 27.71 12.49
CA LEU B 323 -13.21 26.27 12.32
C LEU B 323 -14.33 25.64 11.50
N VAL B 324 -14.04 24.47 10.93
CA VAL B 324 -15.03 23.73 10.14
C VAL B 324 -15.18 22.30 10.65
N ALA B 325 -16.42 21.88 10.88
CA ALA B 325 -16.73 20.54 11.35
C ALA B 325 -17.63 19.79 10.37
N PHE B 326 -17.30 18.52 10.14
CA PHE B 326 -18.09 17.66 9.27
C PHE B 326 -18.78 16.55 10.05
N THR B 327 -20.04 16.32 9.72
CA THR B 327 -20.87 15.29 10.35
C THR B 327 -22.03 14.95 9.42
N ASP B 328 -23.12 14.40 9.97
CA ASP B 328 -24.34 14.17 9.20
C ASP B 328 -25.59 14.71 9.92
N SER B 329 -26.65 14.95 9.16
CA SER B 329 -27.88 15.54 9.68
C SER B 329 -28.64 14.61 10.64
N GLY B 330 -28.47 13.30 10.45
CA GLY B 330 -29.15 12.31 11.29
C GLY B 330 -28.53 12.12 12.66
N SER B 331 -27.20 11.98 12.69
CA SER B 331 -26.47 11.73 13.94
C SER B 331 -26.32 12.98 14.81
N PHE B 332 -26.15 14.14 14.16
CA PHE B 332 -25.91 15.39 14.87
C PHE B 332 -27.05 16.40 14.69
N ASP B 333 -27.33 17.15 15.74
CA ASP B 333 -28.31 18.22 15.71
C ASP B 333 -27.63 19.60 15.72
N PRO B 334 -27.59 20.27 14.55
CA PRO B 334 -26.90 21.56 14.40
C PRO B 334 -27.63 22.74 15.04
N THR B 335 -28.93 22.58 15.28
CA THR B 335 -29.74 23.62 15.92
C THR B 335 -29.40 23.76 17.41
N ASP B 336 -29.03 22.64 18.03
CA ASP B 336 -28.62 22.61 19.43
C ASP B 336 -27.23 23.23 19.59
N ILE B 337 -27.19 24.43 20.15
CA ILE B 337 -25.94 25.18 20.35
C ILE B 337 -25.06 24.54 21.44
N GLY B 338 -25.71 23.89 22.41
CA GLY B 338 -25.00 23.20 23.49
C GLY B 338 -24.30 21.93 23.02
N ALA B 339 -24.88 21.29 22.00
CA ALA B 339 -24.31 20.08 21.40
C ALA B 339 -23.04 20.37 20.62
N VAL B 340 -22.98 21.55 19.99
CA VAL B 340 -21.80 22.01 19.27
C VAL B 340 -20.67 22.33 20.27
N LYS B 341 -21.05 22.93 21.39
CA LYS B 341 -20.13 23.25 22.48
C LYS B 341 -19.45 22.00 23.03
N ASP B 342 -20.22 20.92 23.20
CA ASP B 342 -19.71 19.65 23.73
C ASP B 342 -18.86 18.88 22.72
N ALA B 343 -19.25 18.97 21.45
CA ALA B 343 -18.55 18.26 20.38
C ALA B 343 -17.17 18.85 20.08
N VAL B 344 -17.07 20.17 20.19
CA VAL B 344 -15.79 20.88 20.03
C VAL B 344 -14.91 20.67 21.27
N LEU B 345 -15.55 20.59 22.43
CA LEU B 345 -14.87 20.36 23.72
C LEU B 345 -14.11 19.03 23.74
N TYR B 346 -14.66 18.03 23.05
CA TYR B 346 -14.08 16.69 22.96
C TYR B 346 -12.68 16.69 22.33
N TYR B 347 -12.45 17.59 21.38
CA TYR B 347 -11.17 17.70 20.70
C TYR B 347 -10.37 18.89 21.22
N LEU B 348 -11.03 20.04 21.37
CA LEU B 348 -10.40 21.27 21.84
C LEU B 348 -11.11 21.79 23.08
N PRO B 349 -10.68 21.34 24.28
CA PRO B 349 -11.30 21.74 25.54
C PRO B 349 -10.97 23.17 26.00
N GLU B 350 -9.88 23.73 25.47
CA GLU B 350 -9.43 25.08 25.84
C GLU B 350 -9.98 26.16 24.92
N VAL B 351 -10.88 25.78 24.02
CA VAL B 351 -11.41 26.68 22.99
C VAL B 351 -12.86 27.08 23.26
N GLU B 352 -13.10 28.39 23.26
CA GLU B 352 -14.44 28.95 23.45
C GLU B 352 -15.19 29.05 22.13
N VAL B 353 -16.42 28.54 22.10
CA VAL B 353 -17.29 28.63 20.93
C VAL B 353 -18.20 29.86 21.05
N LEU B 354 -18.14 30.73 20.06
CA LEU B 354 -18.91 31.98 20.06
C LEU B 354 -20.18 31.89 19.23
N GLY B 355 -20.07 31.36 18.02
CA GLY B 355 -21.21 31.23 17.11
C GLY B 355 -21.04 30.15 16.06
N ILE B 356 -22.11 29.89 15.31
CA ILE B 356 -22.10 28.87 14.25
C ILE B 356 -22.77 29.36 12.97
N ASP B 357 -22.28 28.83 11.84
CA ASP B 357 -22.84 29.15 10.52
C ASP B 357 -22.91 27.88 9.67
N TYR B 358 -24.13 27.50 9.30
CA TYR B 358 -24.36 26.31 8.47
C TYR B 358 -25.61 26.47 7.61
N HIS B 359 -25.83 25.49 6.73
CA HIS B 359 -27.03 25.44 5.90
C HIS B 359 -27.44 23.99 5.65
N ASP B 360 -28.61 23.63 6.17
CA ASP B 360 -29.14 22.27 6.02
C ASP B 360 -29.73 22.06 4.64
N TRP B 361 -29.01 21.31 3.81
CA TRP B 361 -29.45 21.01 2.44
C TRP B 361 -30.54 19.95 2.42
N ILE B 362 -30.61 19.15 3.48
CA ILE B 362 -31.66 18.13 3.66
C ILE B 362 -33.04 18.77 3.76
N ALA B 363 -33.15 19.82 4.58
CA ALA B 363 -34.41 20.53 4.79
C ALA B 363 -34.80 21.42 3.60
N ASP B 364 -33.81 21.82 2.81
CA ASP B 364 -34.03 22.66 1.63
C ASP B 364 -34.77 21.89 0.55
N PRO B 365 -35.99 22.35 0.17
CA PRO B 365 -36.80 21.68 -0.85
C PRO B 365 -36.18 21.74 -2.25
N LEU B 366 -35.27 22.68 -2.47
CA LEU B 366 -34.58 22.84 -3.75
C LEU B 366 -33.39 21.87 -3.90
N PHE B 367 -33.05 21.18 -2.82
CA PHE B 367 -31.88 20.30 -2.80
C PHE B 367 -32.21 18.91 -2.24
N GLU B 368 -32.82 18.89 -1.05
CA GLU B 368 -33.15 17.64 -0.39
C GLU B 368 -31.93 16.70 -0.34
N GLY B 369 -30.77 17.28 -0.06
CA GLY B 369 -29.51 16.59 -0.28
C GLY B 369 -28.34 17.54 -0.10
N PRO B 370 -27.17 16.98 0.16
CA PRO B 370 -25.93 17.77 0.26
C PRO B 370 -25.06 17.47 -0.95
N TRP B 371 -24.22 16.45 -0.84
CA TRP B 371 -23.66 15.79 -2.01
C TRP B 371 -23.96 14.30 -2.01
N VAL B 372 -23.84 13.66 -3.16
CA VAL B 372 -24.42 12.33 -3.38
C VAL B 372 -23.74 11.24 -2.54
N ALA B 373 -24.55 10.44 -1.87
CA ALA B 373 -24.11 9.26 -1.14
C ALA B 373 -25.26 8.25 -1.03
N PRO B 374 -25.22 7.20 -1.87
CA PRO B 374 -26.28 6.19 -1.99
C PRO B 374 -26.48 5.34 -0.74
N ARG B 375 -27.66 4.74 -0.64
CA ARG B 375 -27.98 3.79 0.43
C ARG B 375 -27.47 2.42 0.02
N VAL B 376 -27.44 1.49 0.98
CA VAL B 376 -26.93 0.13 0.75
C VAL B 376 -27.78 -0.62 -0.27
N GLY B 377 -27.18 -0.94 -1.41
CA GLY B 377 -27.85 -1.69 -2.47
C GLY B 377 -28.19 -0.87 -3.70
N GLN B 378 -28.59 0.38 -3.47
CA GLN B 378 -29.08 1.28 -4.53
C GLN B 378 -28.25 1.28 -5.82
N PHE B 379 -26.95 1.54 -5.68
CA PHE B 379 -26.08 1.77 -6.84
C PHE B 379 -25.55 0.48 -7.49
N SER B 380 -25.72 -0.65 -6.81
CA SER B 380 -25.42 -1.95 -7.41
C SER B 380 -26.61 -2.45 -8.23
N ARG B 381 -27.79 -1.91 -7.96
CA ARG B 381 -29.00 -2.23 -8.70
C ARG B 381 -29.13 -1.34 -9.94
N VAL B 382 -29.06 -0.03 -9.73
CA VAL B 382 -29.17 0.96 -10.81
C VAL B 382 -28.27 2.16 -10.51
N HIS B 383 -27.43 2.53 -11.48
CA HIS B 383 -26.43 3.58 -11.28
C HIS B 383 -26.27 4.50 -12.48
N LYS B 384 -25.65 3.98 -13.56
CA LYS B 384 -25.40 4.75 -14.77
C LYS B 384 -26.69 5.12 -15.50
N GLU B 385 -27.71 4.28 -15.35
CA GLU B 385 -29.04 4.51 -15.93
C GLU B 385 -29.66 5.83 -15.48
N LEU B 386 -29.36 6.23 -14.25
CA LEU B 386 -29.88 7.47 -13.67
C LEU B 386 -29.33 8.72 -14.36
N GLY B 387 -28.10 8.62 -14.86
CA GLY B 387 -27.45 9.73 -15.57
C GLY B 387 -27.61 9.70 -17.08
N GLU B 388 -28.26 8.65 -17.58
CA GLU B 388 -28.52 8.49 -19.01
C GLU B 388 -29.82 9.17 -19.43
N PRO B 389 -29.90 9.62 -20.70
CA PRO B 389 -31.09 10.32 -21.21
C PRO B 389 -32.34 9.43 -21.23
N ALA B 390 -33.48 10.03 -20.85
CA ALA B 390 -34.78 9.34 -20.87
C ALA B 390 -35.60 9.80 -22.08
N GLY B 391 -35.00 9.68 -23.26
CA GLY B 391 -35.62 10.13 -24.51
C GLY B 391 -35.11 11.49 -24.91
N ARG B 392 -35.95 12.52 -24.73
CA ARG B 392 -35.56 13.90 -25.01
C ARG B 392 -35.05 14.60 -23.76
N ILE B 393 -35.23 13.96 -22.60
CA ILE B 393 -34.83 14.52 -21.31
C ILE B 393 -33.44 14.00 -20.91
N HIS B 394 -32.48 14.93 -20.81
CA HIS B 394 -31.12 14.61 -20.39
C HIS B 394 -30.94 14.85 -18.89
N PHE B 395 -30.21 13.95 -18.24
CA PHE B 395 -29.96 14.04 -16.80
C PHE B 395 -28.48 14.29 -16.49
N VAL B 396 -28.20 15.36 -15.76
CA VAL B 396 -26.83 15.75 -15.43
C VAL B 396 -26.66 16.14 -13.95
N GLY B 397 -25.45 16.56 -13.59
CA GLY B 397 -25.11 16.95 -12.23
C GLY B 397 -23.99 16.12 -11.66
N SER B 398 -23.59 16.44 -10.43
CA SER B 398 -22.54 15.70 -9.73
C SER B 398 -23.08 14.43 -9.08
N ASP B 399 -24.40 14.39 -8.91
CA ASP B 399 -25.08 13.26 -8.29
C ASP B 399 -25.06 12.00 -9.17
N VAL B 400 -25.14 12.21 -10.48
CA VAL B 400 -25.14 11.11 -11.45
C VAL B 400 -23.81 10.97 -12.20
N SER B 401 -22.75 11.49 -11.61
CA SER B 401 -21.42 11.42 -12.20
C SER B 401 -20.74 10.08 -11.90
N LEU B 402 -19.99 9.58 -12.88
CA LEU B 402 -19.26 8.32 -12.73
C LEU B 402 -17.77 8.60 -12.62
N GLU B 403 -17.30 9.62 -13.32
CA GLU B 403 -15.89 10.00 -13.34
C GLU B 403 -15.46 10.64 -12.02
N PHE B 404 -16.24 11.60 -11.54
CA PHE B 404 -15.94 12.28 -10.27
C PHE B 404 -17.21 12.77 -9.56
N PRO B 405 -17.94 11.87 -8.87
CA PRO B 405 -19.18 12.24 -8.19
C PRO B 405 -18.94 12.98 -6.87
N GLY B 406 -19.88 13.85 -6.50
CA GLY B 406 -19.81 14.61 -5.26
C GLY B 406 -18.83 15.76 -5.30
N TYR B 407 -18.40 16.13 -6.51
CA TYR B 407 -17.46 17.23 -6.73
C TYR B 407 -17.94 18.14 -7.84
N ILE B 408 -17.48 19.39 -7.84
CA ILE B 408 -17.82 20.37 -8.88
C ILE B 408 -17.42 19.87 -10.27
N GLU B 409 -16.38 19.04 -10.32
CA GLU B 409 -15.91 18.39 -11.54
C GLU B 409 -16.98 17.50 -12.18
N GLY B 410 -17.76 16.82 -11.34
CA GLY B 410 -18.84 15.94 -11.81
C GLY B 410 -19.95 16.69 -12.53
N ALA B 411 -20.32 17.86 -12.00
CA ALA B 411 -21.30 18.74 -12.64
C ALA B 411 -20.76 19.27 -13.96
N LEU B 412 -19.45 19.55 -13.98
CA LEU B 412 -18.75 20.03 -15.17
C LEU B 412 -18.63 18.96 -16.25
N GLU B 413 -18.32 17.73 -15.83
CA GLU B 413 -18.11 16.60 -16.74
C GLU B 413 -19.40 16.14 -17.41
N THR B 414 -20.47 16.03 -16.62
CA THR B 414 -21.77 15.58 -17.11
C THR B 414 -22.42 16.58 -18.07
N ALA B 415 -22.24 17.88 -17.78
CA ALA B 415 -22.76 18.95 -18.64
C ALA B 415 -22.13 18.94 -20.03
N GLU B 416 -20.86 18.52 -20.09
CA GLU B 416 -20.15 18.37 -21.36
C GLU B 416 -20.72 17.22 -22.19
N CYS B 417 -21.19 16.18 -21.50
CA CYS B 417 -21.75 14.99 -22.16
C CYS B 417 -23.13 15.26 -22.78
N ALA B 418 -23.98 15.96 -22.05
CA ALA B 418 -25.34 16.26 -22.51
C ALA B 418 -25.37 17.25 -23.66
N VAL B 419 -24.50 18.26 -23.60
CA VAL B 419 -24.38 19.25 -24.68
C VAL B 419 -23.90 18.58 -25.96
N ASN B 420 -22.88 17.72 -25.85
CA ASN B 420 -22.37 16.96 -26.99
C ASN B 420 -23.37 15.96 -27.56
N ALA B 421 -24.29 15.49 -26.71
CA ALA B 421 -25.33 14.55 -27.14
C ALA B 421 -26.45 15.24 -27.92
N ILE B 422 -26.82 16.44 -27.49
CA ILE B 422 -27.87 17.22 -28.15
C ILE B 422 -27.36 17.87 -29.44
N LEU B 423 -26.16 18.42 -29.38
CA LEU B 423 -25.55 19.12 -30.52
C LEU B 423 -25.19 18.16 -31.66
N HIS B 424 -24.83 16.93 -31.32
CA HIS B 424 -24.50 15.91 -32.31
C HIS B 424 -25.63 14.92 -32.56
N SER B 425 -26.78 15.14 -31.91
CA SER B 425 -27.94 14.29 -32.07
C SER B 425 -29.22 15.07 -32.26
PA FAD C . 24.68 -25.04 4.63
O1A FAD C . 24.66 -24.41 6.00
O2A FAD C . 25.42 -24.16 3.66
O5B FAD C . 25.35 -26.50 4.73
C5B FAD C . 26.16 -27.01 3.69
C4B FAD C . 27.35 -27.77 4.26
O4B FAD C . 27.78 -28.77 3.35
C3B FAD C . 28.54 -26.86 4.51
O3B FAD C . 28.99 -27.03 5.84
C2B FAD C . 29.59 -27.31 3.52
O2B FAD C . 30.89 -27.27 4.09
C1B FAD C . 29.18 -28.73 3.19
N9A FAD C . 29.59 -29.15 1.84
C8A FAD C . 29.55 -28.38 0.69
N7A FAD C . 30.00 -29.13 -0.33
C5A FAD C . 30.33 -30.35 0.13
C6A FAD C . 30.84 -31.49 -0.49
N6A FAD C . 30.97 -31.53 -1.82
N1A FAD C . 31.08 -32.63 0.25
C2A FAD C . 30.82 -32.64 1.61
N3A FAD C . 30.31 -31.50 2.22
C4A FAD C . 30.07 -30.38 1.50
N1 FAD C . 19.17 -17.32 8.21
C2 FAD C . 18.09 -16.85 8.93
O2 FAD C . 17.20 -17.62 9.29
N3 FAD C . 18.00 -15.50 9.24
C4 FAD C . 19.00 -14.64 8.84
O4 FAD C . 18.92 -13.44 9.12
C4X FAD C . 20.09 -15.11 8.11
N5 FAD C . 21.08 -14.24 7.70
C5X FAD C . 22.17 -14.72 6.97
C6 FAD C . 23.17 -13.82 6.57
C7 FAD C . 24.26 -14.29 5.84
C7M FAD C . 25.31 -13.31 5.42
C8 FAD C . 24.35 -15.64 5.52
C8M FAD C . 25.52 -16.19 4.74
C9 FAD C . 23.36 -16.53 5.93
C9A FAD C . 22.25 -16.07 6.66
N10 FAD C . 21.25 -16.96 7.06
C10 FAD C . 20.17 -16.47 7.79
C1' FAD C . 21.02 -18.18 6.22
C2' FAD C . 21.46 -19.46 6.94
O2' FAD C . 22.68 -19.26 7.60
C3' FAD C . 21.61 -20.60 5.92
O3' FAD C . 20.53 -20.55 5.01
C4' FAD C . 21.65 -21.98 6.57
O4' FAD C . 22.84 -22.12 7.32
C5' FAD C . 21.58 -23.08 5.51
O5' FAD C . 21.85 -24.34 6.07
P FAD C . 21.95 -25.63 5.10
O1P FAD C . 22.27 -26.86 5.91
O2P FAD C . 20.68 -25.81 4.33
O3P FAD C . 23.18 -25.31 4.11
P GP7 D . 7.16 5.44 14.92
C1 GP7 D . 8.55 6.37 12.80
C2 GP7 D . 7.90 5.38 11.83
O2 GP7 D . 8.87 4.44 11.40
C3 GP7 D . 7.23 6.05 10.64
O3 GP7 D . 6.48 5.07 9.92
C11 GP7 D . 5.03 4.93 10.01
O11 GP7 D . 4.40 5.73 10.66
C12 GP7 D . 4.30 3.80 9.30
C13 GP7 D . 3.70 4.31 7.97
C14 GP7 D . 2.69 3.32 7.35
C15 GP7 D . 3.06 2.91 5.92
C16 GP7 D . 2.31 1.62 5.58
C17 GP7 D . 2.31 1.35 4.07
C18 GP7 D . 3.45 0.44 3.65
C19 GP7 D . 4.56 1.21 2.95
O1P GP7 D . 8.28 4.43 15.01
C20 GP7 D . 5.17 0.24 1.95
C21 GP7 D . 6.64 0.59 1.84
C22 GP7 D . 7.00 0.64 0.36
C23 GP7 D . 8.50 0.78 0.18
C24 GP7 D . 8.82 1.66 -1.04
C25 GP7 D . 8.31 1.13 -2.38
O2P GP7 D . 6.85 6.15 16.21
C31 GP7 D . 8.43 3.05 11.63
O31 GP7 D . 8.91 2.42 12.57
C32 GP7 D . 7.40 2.41 10.72
C33 GP7 D . 7.96 1.19 9.99
C34 GP7 D . 8.98 1.58 8.91
C35 GP7 D . 9.92 0.40 8.58
C36 GP7 D . 11.18 0.85 7.85
C37 GP7 D . 11.77 -0.27 6.99
C38 GP7 D . 11.02 -0.46 5.67
C39 GP7 D . 11.85 -1.21 4.60
O3P GP7 D . 7.74 6.61 13.96
C40 GP7 D . 11.01 -1.58 3.37
C41 GP7 D . 11.80 -1.92 2.11
C42 GP7 D . 11.40 -3.29 1.61
C43 GP7 D . 12.44 -3.77 0.61
C44 GP7 D . 12.19 -5.19 0.10
C45 GP7 D . 13.27 -5.49 -0.95
C46 GP7 D . 13.19 -6.91 -1.46
O4P GP7 D . 5.92 4.96 14.20
PA FAD E . -26.77 22.21 -8.02
O1A FAD E . -25.72 23.28 -7.84
O2A FAD E . -27.52 21.99 -6.72
O5B FAD E . -27.76 22.63 -9.21
C5B FAD E . -29.15 22.40 -9.13
C4B FAD E . -29.90 23.73 -9.01
O4B FAD E . -31.22 23.58 -9.50
C3B FAD E . -30.02 24.18 -7.56
O3B FAD E . -29.52 25.51 -7.47
C2B FAD E . -31.49 24.17 -7.25
O2B FAD E . -31.89 25.31 -6.52
C1B FAD E . -32.16 24.16 -8.62
N9A FAD E . -33.44 23.44 -8.65
C8A FAD E . -33.82 22.38 -7.86
N7A FAD E . -35.08 22.02 -8.20
C5A FAD E . -35.49 22.82 -9.20
C6A FAD E . -36.69 22.87 -9.93
N6A FAD E . -37.67 22.01 -9.67
N1A FAD E . -36.84 23.82 -10.92
C2A FAD E . -35.81 24.70 -11.20
N3A FAD E . -34.64 24.65 -10.48
C4A FAD E . -34.48 23.72 -9.50
N1 FAD E . -17.31 20.00 -4.61
C2 FAD E . -15.94 20.00 -4.80
O2 FAD E . -15.47 19.85 -5.93
N3 FAD E . -15.09 20.17 -3.72
C4 FAD E . -15.61 20.36 -2.46
O4 FAD E . -14.84 20.51 -1.50
C4X FAD E . -16.99 20.35 -2.26
N5 FAD E . -17.50 20.53 -0.99
C5X FAD E . -18.87 20.53 -0.79
C6 FAD E . -19.37 20.71 0.49
C7 FAD E . -20.75 20.70 0.72
C7M FAD E . -21.26 20.90 2.12
C8 FAD E . -21.63 20.52 -0.37
C8M FAD E . -23.12 20.53 -0.17
C9 FAD E . -21.11 20.35 -1.65
C9A FAD E . -19.74 20.35 -1.87
N10 FAD E . -19.23 20.16 -3.16
C10 FAD E . -17.84 20.17 -3.34
C1' FAD E . -20.04 19.32 -4.11
C2' FAD E . -20.67 20.15 -5.22
O2' FAD E . -20.82 21.49 -4.82
C3' FAD E . -22.04 19.60 -5.64
O3' FAD E . -22.11 18.19 -5.46
C4' FAD E . -22.40 19.91 -7.10
O4' FAD E . -21.25 20.20 -7.86
C5' FAD E . -23.39 21.06 -7.19
O5' FAD E . -23.59 21.43 -8.54
P FAD E . -24.78 20.80 -9.43
O1P FAD E . -25.02 21.66 -10.65
O2P FAD E . -24.46 19.38 -9.84
O3P FAD E . -26.09 20.83 -8.50
P GP7 F . 4.00 15.95 5.26
C1 GP7 F . 4.85 14.03 6.88
C2 GP7 F . 3.65 13.19 6.45
O2 GP7 F . 2.45 13.90 6.74
C3 GP7 F . 3.67 11.81 7.11
O3 GP7 F . 3.37 10.78 6.18
C11 GP7 F . 4.40 10.22 5.32
O11 GP7 F . 5.11 10.97 4.68
C12 GP7 F . 4.61 8.73 5.21
C13 GP7 F . 3.30 8.06 4.84
C14 GP7 F . 3.50 6.99 3.79
C15 GP7 F . 2.30 6.07 3.75
C16 GP7 F . 2.16 5.38 2.40
C17 GP7 F . 0.97 4.44 2.43
C18 GP7 F . -0.11 4.96 3.35
C19 GP7 F . -1.24 3.95 3.49
O1P GP7 F . 2.50 16.01 5.46
C20 GP7 F . -2.55 4.51 2.97
C21 GP7 F . -3.43 4.99 4.11
C22 GP7 F . -4.22 3.85 4.72
C23 GP7 F . -5.11 4.40 5.82
C24 GP7 F . -6.15 3.38 6.22
C25 GP7 F . -5.69 1.99 5.83
O2P GP7 F . 4.66 17.30 5.08
C31 GP7 F . 1.44 13.66 5.72
O31 GP7 F . 0.72 14.57 5.37
C32 GP7 F . 1.33 12.29 5.10
C33 GP7 F . -0.12 12.00 4.80
C34 GP7 F . -0.84 13.25 4.30
C35 GP7 F . -2.33 12.98 4.29
C36 GP7 F . -2.63 11.64 4.93
C37 GP7 F . -4.04 11.63 5.50
C38 GP7 F . -4.97 10.89 4.56
C39 GP7 F . -5.54 9.67 5.24
O3P GP7 F . 4.57 15.42 6.67
C40 GP7 F . -6.24 8.76 4.24
C41 GP7 F . -7.51 8.18 4.83
C42 GP7 F . -8.55 7.92 3.76
C43 GP7 F . -9.90 7.55 4.38
C44 GP7 F . -10.75 6.80 3.38
C45 GP7 F . -11.98 7.60 3.02
C46 GP7 F . -12.98 6.75 2.29
O4P GP7 F . 4.45 14.93 4.25
#